data_8QNL
#
_entry.id   8QNL
#
_cell.length_a   55.180
_cell.length_b   106.922
_cell.length_c   93.499
_cell.angle_alpha   90.00
_cell.angle_beta   104.21
_cell.angle_gamma   90.00
#
_symmetry.space_group_name_H-M   'P 1 21 1'
#
loop_
_entity.id
_entity.type
_entity.pdbx_description
1 polymer 'Antitoxin Xre/MbcA/ParS-like toxin-binding domain-containing protein'
2 polymer 'RES domain-containing protein'
3 non-polymer 'PHOSPHATE ION'
4 water water
#
loop_
_entity_poly.entity_id
_entity_poly.type
_entity_poly.pdbx_seq_one_letter_code
_entity_poly.pdbx_strand_id
1 'polypeptide(L)'
;MADLNWISSALIKERPSADAVLAKAVLAAREQLGLTQLELAGIVGVDRSAISRWKTQGLRVDSKTGELALLLVRVYRALY
ALFGGQQEDMRHFLRTPNHHLAGEPLALMGQVQGLVHVLEYLDAIRGKV
;
A,B,D,E
2 'polypeptide(L)'
;MGSSHHHHHHSQDPSEIWRQCKGERHIRPLQGRLVRLVESQEQVATLQLVDTLEEQALLEELLESSKPPVPADAEPLHYL
LKTPFRYPPLRWGSRFGRRHEPSLFYAALKLETAMAESAYYRCVLWSGMVVPPPSGRILSEHASFEAGWKVERGIRLQAP
PFSDHEAALTDIADYRAPQELGSAMRSAGVQAFEYRSARCPERGCNVALFTPAAFTEKRPRNLTPWLCETTAGYVAFKPA
HVPGSPKIFSWELFLVDGKLPHPA
;
C,F
#
loop_
_chem_comp.id
_chem_comp.type
_chem_comp.name
_chem_comp.formula
PO4 non-polymer 'PHOSPHATE ION' 'O4 P -3'
#
# COMPACT_ATOMS: atom_id res chain seq x y z
N ASP A 3 -12.28 15.00 27.54
CA ASP A 3 -13.72 15.12 27.40
C ASP A 3 -14.37 13.74 27.33
N LEU A 4 -14.21 13.05 26.20
CA LEU A 4 -14.83 11.71 26.01
C LEU A 4 -13.79 10.73 25.45
N ASN A 5 -12.51 10.99 25.68
CA ASN A 5 -11.43 10.15 25.12
C ASN A 5 -11.46 8.80 25.83
N TRP A 6 -12.10 8.77 26.99
CA TRP A 6 -12.23 7.50 27.70
C TRP A 6 -13.17 6.54 26.98
N ILE A 7 -14.07 7.05 26.14
CA ILE A 7 -15.01 6.18 25.43
C ILE A 7 -14.26 5.18 24.56
N SER A 8 -13.20 5.64 23.88
CA SER A 8 -12.40 4.76 23.05
C SER A 8 -11.10 4.32 23.72
N SER A 9 -10.68 4.99 24.78
CA SER A 9 -9.50 4.54 25.52
C SER A 9 -9.76 3.24 26.26
N ALA A 10 -11.02 2.85 26.40
CA ALA A 10 -11.38 1.59 27.03
C ALA A 10 -12.64 1.06 26.38
N LEU A 11 -12.99 -0.17 26.72
CA LEU A 11 -14.18 -0.84 26.23
C LEU A 11 -14.20 -0.99 24.71
N ILE A 12 -13.03 -0.98 24.07
CA ILE A 12 -12.94 -1.15 22.63
C ILE A 12 -11.59 -1.76 22.30
N LYS A 13 -10.67 -1.69 23.25
CA LYS A 13 -9.35 -2.29 23.13
C LYS A 13 -9.33 -3.60 23.92
N GLU A 14 -8.98 -4.69 23.25
CA GLU A 14 -8.86 -5.99 23.90
C GLU A 14 -7.39 -6.38 23.97
N ARG A 15 -7.06 -7.22 24.97
CA ARG A 15 -5.70 -7.69 25.20
C ARG A 15 -5.65 -9.19 24.98
N PRO A 16 -5.42 -9.65 23.75
CA PRO A 16 -5.48 -11.08 23.45
C PRO A 16 -4.28 -11.84 24.00
N SER A 17 -4.47 -13.15 24.14
CA SER A 17 -3.42 -14.04 24.60
C SER A 17 -2.41 -14.30 23.50
N ALA A 18 -1.13 -14.33 23.87
CA ALA A 18 -0.07 -14.56 22.88
C ALA A 18 -0.13 -15.98 22.32
N ASP A 19 -0.43 -16.97 23.18
CA ASP A 19 -0.50 -18.35 22.72
C ASP A 19 -1.68 -18.58 21.80
N ALA A 20 -2.80 -17.91 22.04
CA ALA A 20 -3.97 -18.07 21.18
C ALA A 20 -3.75 -17.39 19.83
N VAL A 21 -3.07 -16.25 19.82
CA VAL A 21 -2.79 -15.56 18.57
C VAL A 21 -1.82 -16.37 17.71
N LEU A 22 -0.78 -16.92 18.33
CA LEU A 22 0.18 -17.72 17.58
C LEU A 22 -0.48 -18.96 16.98
N ALA A 23 -1.33 -19.62 17.77
CA ALA A 23 -2.02 -20.80 17.26
C ALA A 23 -2.93 -20.43 16.10
N LYS A 24 -3.70 -19.35 16.26
CA LYS A 24 -4.58 -18.88 15.18
C LYS A 24 -3.77 -18.51 13.93
N ALA A 25 -2.62 -17.88 14.11
CA ALA A 25 -1.84 -17.43 12.96
C ALA A 25 -1.18 -18.59 12.23
N VAL A 26 -0.69 -19.58 12.97
CA VAL A 26 -0.02 -20.69 12.31
C VAL A 26 -1.02 -21.61 11.59
N LEU A 27 -2.24 -21.75 12.11
CA LEU A 27 -3.24 -22.54 11.40
C LEU A 27 -3.73 -21.83 10.16
N ALA A 28 -3.86 -20.50 10.23
CA ALA A 28 -4.25 -19.74 9.04
C ALA A 28 -3.13 -19.76 8.00
N ALA A 29 -1.88 -19.72 8.44
CA ALA A 29 -0.78 -19.80 7.48
C ALA A 29 -0.72 -21.18 6.83
N ARG A 30 -1.09 -22.22 7.59
CA ARG A 30 -1.15 -23.56 7.03
C ARG A 30 -2.20 -23.64 5.93
N GLU A 31 -3.37 -23.08 6.17
CA GLU A 31 -4.45 -23.16 5.20
C GLU A 31 -4.13 -22.33 3.96
N GLN A 32 -3.57 -21.13 4.13
CA GLN A 32 -3.27 -20.28 3.00
C GLN A 32 -2.18 -20.87 2.12
N LEU A 33 -1.14 -21.45 2.73
CA LEU A 33 -0.07 -22.10 1.97
C LEU A 33 -0.47 -23.47 1.43
N GLY A 34 -1.67 -23.95 1.74
CA GLY A 34 -2.10 -25.24 1.25
C GLY A 34 -1.34 -26.41 1.85
N LEU A 35 -0.98 -26.32 3.12
CA LEU A 35 -0.26 -27.39 3.80
C LEU A 35 -1.23 -28.33 4.51
N THR A 36 -0.94 -29.62 4.47
CA THR A 36 -1.71 -30.59 5.23
C THR A 36 -1.30 -30.53 6.71
N GLN A 37 -2.12 -31.18 7.55
CA GLN A 37 -1.80 -31.22 8.97
C GLN A 37 -0.51 -31.98 9.23
N LEU A 38 -0.20 -33.00 8.43
CA LEU A 38 1.04 -33.74 8.63
C LEU A 38 2.24 -32.95 8.13
N GLU A 39 2.09 -32.21 7.03
CA GLU A 39 3.17 -31.34 6.57
C GLU A 39 3.47 -30.26 7.59
N LEU A 40 2.42 -29.65 8.16
CA LEU A 40 2.62 -28.70 9.25
C LEU A 40 3.26 -29.39 10.45
N ALA A 41 2.86 -30.63 10.73
CA ALA A 41 3.40 -31.35 11.88
C ALA A 41 4.89 -31.60 11.72
N GLY A 42 5.34 -31.86 10.48
CA GLY A 42 6.75 -32.10 10.24
C GLY A 42 7.62 -30.85 10.27
N ILE A 43 7.02 -29.67 10.11
CA ILE A 43 7.78 -28.44 10.12
C ILE A 43 8.03 -27.97 11.55
N VAL A 44 6.96 -27.91 12.36
CA VAL A 44 7.08 -27.43 13.73
C VAL A 44 7.42 -28.53 14.72
N GLY A 45 7.32 -29.79 14.32
CA GLY A 45 7.78 -30.88 15.15
C GLY A 45 6.83 -31.36 16.21
N VAL A 46 5.53 -31.44 15.90
CA VAL A 46 4.53 -32.01 16.79
C VAL A 46 3.78 -33.09 16.03
N ASP A 47 2.88 -33.77 16.74
CA ASP A 47 1.98 -34.73 16.12
C ASP A 47 0.65 -34.04 15.80
N ARG A 48 -0.15 -34.70 14.96
CA ARG A 48 -1.43 -34.11 14.57
C ARG A 48 -2.40 -34.02 15.74
N SER A 49 -2.22 -34.83 16.78
CA SER A 49 -3.06 -34.69 17.97
C SER A 49 -2.73 -33.41 18.72
N ALA A 50 -1.45 -33.05 18.79
CA ALA A 50 -1.07 -31.83 19.51
C ALA A 50 -1.54 -30.58 18.77
N ILE A 51 -1.69 -30.65 17.45
CA ILE A 51 -2.21 -29.50 16.70
C ILE A 51 -3.65 -29.22 17.11
N SER A 52 -4.43 -30.27 17.37
CA SER A 52 -5.83 -30.12 17.75
C SER A 52 -6.01 -29.46 19.10
N ARG A 53 -4.98 -29.46 19.96
CA ARG A 53 -5.04 -28.75 21.24
C ARG A 53 -4.79 -27.26 21.11
N TRP A 54 -4.12 -26.82 20.03
CA TRP A 54 -3.83 -25.40 19.86
C TRP A 54 -5.10 -24.56 19.83
N LYS A 55 -6.18 -25.10 19.26
CA LYS A 55 -7.43 -24.35 19.16
C LYS A 55 -8.14 -24.18 20.49
N THR A 56 -7.87 -25.04 21.46
CA THR A 56 -8.44 -24.92 22.81
C THR A 56 -7.43 -24.48 23.86
N GLN A 57 -6.14 -24.77 23.67
CA GLN A 57 -5.11 -24.42 24.62
C GLN A 57 -4.11 -23.39 24.09
N GLY A 58 -3.87 -23.35 22.79
CA GLY A 58 -2.92 -22.43 22.21
C GLY A 58 -1.56 -23.08 21.99
N LEU A 59 -0.68 -22.31 21.34
CA LEU A 59 0.68 -22.74 21.09
C LEU A 59 1.59 -21.87 21.94
N ARG A 60 2.22 -22.47 22.94
CA ARG A 60 3.03 -21.71 23.89
C ARG A 60 4.23 -21.11 23.16
N VAL A 61 4.40 -19.79 23.31
CA VAL A 61 5.41 -19.08 22.53
C VAL A 61 6.81 -19.34 23.05
N ASP A 62 6.96 -19.61 24.35
CA ASP A 62 8.28 -19.81 24.95
C ASP A 62 8.87 -21.17 24.62
N SER A 63 8.21 -21.97 23.81
CA SER A 63 8.68 -23.30 23.48
C SER A 63 9.40 -23.28 22.13
N LYS A 64 10.25 -24.29 21.93
CA LYS A 64 10.90 -24.43 20.63
C LYS A 64 9.91 -24.76 19.54
N THR A 65 8.81 -25.44 19.88
CA THR A 65 7.73 -25.64 18.92
C THR A 65 7.16 -24.31 18.46
N GLY A 66 6.99 -23.37 19.39
CA GLY A 66 6.47 -22.07 19.02
C GLY A 66 7.43 -21.26 18.18
N GLU A 67 8.74 -21.35 18.50
CA GLU A 67 9.73 -20.64 17.70
C GLU A 67 9.72 -21.12 16.25
N LEU A 68 9.65 -22.43 16.04
CA LEU A 68 9.57 -22.95 14.68
C LEU A 68 8.29 -22.49 14.00
N ALA A 69 7.20 -22.35 14.76
CA ALA A 69 5.97 -21.80 14.19
C ALA A 69 6.11 -20.33 13.86
N LEU A 70 6.90 -19.59 14.65
CA LEU A 70 7.17 -18.20 14.30
C LEU A 70 7.96 -18.11 13.00
N LEU A 71 8.97 -18.98 12.84
CA LEU A 71 9.73 -19.00 11.58
C LEU A 71 8.84 -19.38 10.41
N LEU A 72 7.93 -20.32 10.61
CA LEU A 72 7.03 -20.72 9.54
C LEU A 72 6.13 -19.56 9.13
N VAL A 73 5.62 -18.80 10.10
CA VAL A 73 4.77 -17.65 9.79
C VAL A 73 5.58 -16.59 9.04
N ARG A 74 6.85 -16.41 9.42
CA ARG A 74 7.72 -15.48 8.73
C ARG A 74 7.98 -15.92 7.30
N VAL A 75 7.99 -17.23 7.04
CA VAL A 75 8.09 -17.73 5.68
C VAL A 75 6.87 -17.33 4.86
N TYR A 76 5.67 -17.52 5.44
CA TYR A 76 4.46 -17.05 4.78
C TYR A 76 4.48 -15.53 4.64
N ARG A 77 4.98 -14.83 5.66
CA ARG A 77 4.97 -13.37 5.63
C ARG A 77 5.88 -12.84 4.53
N ALA A 78 7.08 -13.40 4.40
CA ALA A 78 7.97 -13.01 3.30
C ALA A 78 7.42 -13.41 1.95
N LEU A 79 6.87 -14.62 1.83
CA LEU A 79 6.32 -15.06 0.55
C LEU A 79 5.18 -14.16 0.09
N TYR A 80 4.33 -13.73 1.03
CA TYR A 80 3.22 -12.86 0.66
C TYR A 80 3.72 -11.53 0.10
N ALA A 81 4.70 -10.93 0.77
CA ALA A 81 5.23 -9.64 0.31
C ALA A 81 5.98 -9.81 -1.02
N LEU A 82 6.69 -10.92 -1.18
CA LEU A 82 7.46 -11.14 -2.40
C LEU A 82 6.53 -11.41 -3.59
N PHE A 83 5.45 -12.16 -3.38
CA PHE A 83 4.56 -12.55 -4.46
C PHE A 83 3.26 -11.76 -4.48
N GLY A 84 3.20 -10.63 -3.78
CA GLY A 84 2.00 -9.81 -3.78
C GLY A 84 0.76 -10.50 -3.27
N GLY A 85 0.90 -11.51 -2.42
CA GLY A 85 -0.26 -12.20 -1.91
C GLY A 85 -0.94 -13.13 -2.89
N GLN A 86 -0.33 -13.41 -4.04
CA GLN A 86 -0.94 -14.32 -4.99
C GLN A 86 -0.75 -15.76 -4.49
N GLN A 87 -1.85 -16.36 -4.03
CA GLN A 87 -1.76 -17.63 -3.32
C GLN A 87 -1.20 -18.74 -4.20
N GLU A 88 -1.59 -18.78 -5.48
CA GLU A 88 -1.11 -19.86 -6.34
C GLU A 88 0.39 -19.75 -6.60
N ASP A 89 0.96 -18.55 -6.56
CA ASP A 89 2.40 -18.40 -6.72
C ASP A 89 3.14 -18.72 -5.42
N MET A 90 2.57 -18.35 -4.27
CA MET A 90 3.19 -18.69 -3.00
C MET A 90 3.23 -20.20 -2.79
N ARG A 91 2.15 -20.90 -3.12
CA ARG A 91 2.14 -22.35 -3.01
C ARG A 91 3.09 -22.98 -4.01
N HIS A 92 3.13 -22.44 -5.24
CA HIS A 92 4.03 -22.97 -6.26
C HIS A 92 5.48 -22.89 -5.81
N PHE A 93 5.87 -21.78 -5.16
CA PHE A 93 7.24 -21.64 -4.70
C PHE A 93 7.62 -22.76 -3.73
N LEU A 94 6.73 -23.10 -2.80
CA LEU A 94 7.05 -24.09 -1.78
C LEU A 94 7.20 -25.49 -2.37
N ARG A 95 6.43 -25.82 -3.39
CA ARG A 95 6.37 -27.19 -3.90
C ARG A 95 7.13 -27.38 -5.20
N THR A 96 7.90 -26.37 -5.65
CA THR A 96 8.68 -26.48 -6.87
C THR A 96 10.16 -26.57 -6.53
N PRO A 97 10.89 -27.48 -7.19
CA PRO A 97 12.36 -27.49 -7.03
C PRO A 97 12.94 -26.11 -7.30
N ASN A 98 13.89 -25.72 -6.46
CA ASN A 98 14.50 -24.39 -6.50
C ASN A 98 16.00 -24.53 -6.72
N HIS A 99 16.53 -23.77 -7.69
CA HIS A 99 17.96 -23.80 -7.96
C HIS A 99 18.77 -23.21 -6.82
N HIS A 100 18.31 -22.09 -6.26
CA HIS A 100 19.09 -21.38 -5.24
C HIS A 100 19.08 -22.10 -3.90
N LEU A 101 18.01 -22.80 -3.57
CA LEU A 101 17.95 -23.58 -2.36
C LEU A 101 18.39 -25.02 -2.65
N ALA A 102 18.55 -25.81 -1.58
CA ALA A 102 19.05 -27.16 -1.76
C ALA A 102 18.08 -28.07 -2.50
N GLY A 103 16.83 -27.63 -2.67
CA GLY A 103 15.81 -28.45 -3.32
C GLY A 103 14.45 -27.77 -3.30
N GLU A 104 13.40 -28.54 -3.05
CA GLU A 104 12.06 -27.99 -2.96
C GLU A 104 11.86 -27.39 -1.56
N PRO A 105 11.45 -26.11 -1.47
CA PRO A 105 11.44 -25.45 -0.15
C PRO A 105 10.60 -26.16 0.90
N LEU A 106 9.44 -26.71 0.53
CA LEU A 106 8.61 -27.39 1.52
C LEU A 106 9.33 -28.61 2.09
N ALA A 107 10.03 -29.37 1.25
CA ALA A 107 10.78 -30.51 1.76
C ALA A 107 11.91 -30.06 2.68
N LEU A 108 12.59 -28.96 2.33
CA LEU A 108 13.67 -28.44 3.17
C LEU A 108 13.15 -28.00 4.54
N MET A 109 11.98 -27.37 4.58
CA MET A 109 11.40 -26.91 5.85
C MET A 109 11.04 -28.06 6.79
N GLY A 110 11.03 -29.31 6.30
CA GLY A 110 10.82 -30.43 7.19
C GLY A 110 11.92 -30.60 8.23
N GLN A 111 13.10 -30.04 7.98
CA GLN A 111 14.19 -30.05 8.93
C GLN A 111 14.48 -28.63 9.40
N VAL A 112 15.06 -28.54 10.60
CA VAL A 112 15.32 -27.24 11.21
C VAL A 112 16.26 -26.40 10.34
N GLN A 113 17.39 -26.98 9.95
CA GLN A 113 18.37 -26.22 9.17
C GLN A 113 17.83 -25.84 7.80
N GLY A 114 16.96 -26.67 7.22
CA GLY A 114 16.33 -26.31 5.96
C GLY A 114 15.30 -25.21 6.12
N LEU A 115 14.55 -25.22 7.23
CA LEU A 115 13.60 -24.15 7.50
C LEU A 115 14.30 -22.81 7.60
N VAL A 116 15.42 -22.77 8.33
CA VAL A 116 16.18 -21.53 8.45
C VAL A 116 16.76 -21.13 7.09
N HIS A 117 17.21 -22.12 6.32
CA HIS A 117 17.76 -21.84 4.99
C HIS A 117 16.72 -21.19 4.09
N VAL A 118 15.49 -21.73 4.08
CA VAL A 118 14.44 -21.15 3.24
C VAL A 118 14.10 -19.75 3.73
N LEU A 119 13.96 -19.57 5.06
CA LEU A 119 13.58 -18.27 5.59
C LEU A 119 14.65 -17.22 5.32
N GLU A 120 15.92 -17.56 5.55
CA GLU A 120 16.99 -16.60 5.29
C GLU A 120 17.04 -16.19 3.83
N TYR A 121 16.81 -17.13 2.91
CA TYR A 121 16.76 -16.79 1.49
C TYR A 121 15.64 -15.80 1.19
N LEU A 122 14.44 -16.07 1.72
CA LEU A 122 13.31 -15.18 1.47
C LEU A 122 13.51 -13.82 2.13
N ASP A 123 14.16 -13.79 3.30
CA ASP A 123 14.43 -12.50 3.93
C ASP A 123 15.45 -11.71 3.13
N ALA A 124 16.50 -12.36 2.64
CA ALA A 124 17.59 -11.65 1.98
C ALA A 124 17.17 -11.16 0.59
N ILE A 125 16.34 -11.93 -0.12
CA ILE A 125 15.93 -11.52 -1.46
C ILE A 125 14.89 -10.40 -1.43
N ARG A 126 14.37 -10.04 -0.26
CA ARG A 126 13.45 -8.92 -0.16
C ARG A 126 14.21 -7.60 -0.21
N GLY A 127 13.58 -6.57 -0.73
CA GLY A 127 14.16 -5.23 -0.55
C GLY A 127 13.88 -4.96 0.91
N LYS A 128 14.81 -4.40 1.68
CA LYS A 128 14.76 -4.26 3.17
C LYS A 128 15.69 -5.35 3.68
N VAL A 129 16.06 -6.30 2.83
CA VAL A 129 16.94 -7.46 3.22
C VAL A 129 16.73 -7.79 4.70
N GLU B 14 24.12 -54.31 25.26
CA GLU B 14 22.95 -53.86 24.51
C GLU B 14 23.36 -53.29 23.15
N ARG B 15 22.46 -53.40 22.17
CA ARG B 15 22.77 -52.96 20.82
C ARG B 15 22.96 -51.45 20.77
N PRO B 16 23.85 -50.97 19.90
CA PRO B 16 23.96 -49.53 19.69
C PRO B 16 22.74 -48.99 18.97
N SER B 17 22.37 -47.76 19.31
CA SER B 17 21.18 -47.14 18.76
C SER B 17 21.48 -45.68 18.42
N ALA B 18 20.71 -45.16 17.46
CA ALA B 18 20.88 -43.78 17.03
C ALA B 18 20.63 -42.81 18.18
N ASP B 19 19.60 -43.07 18.99
CA ASP B 19 19.28 -42.18 20.09
C ASP B 19 20.39 -42.15 21.14
N ALA B 20 21.01 -43.30 21.41
CA ALA B 20 22.11 -43.34 22.35
C ALA B 20 23.35 -42.65 21.78
N VAL B 21 23.57 -42.77 20.47
CA VAL B 21 24.73 -42.12 19.86
C VAL B 21 24.60 -40.60 19.94
N LEU B 22 23.44 -40.07 19.56
CA LEU B 22 23.25 -38.63 19.61
C LEU B 22 23.34 -38.10 21.03
N ALA B 23 22.76 -38.84 21.99
CA ALA B 23 22.80 -38.40 23.39
C ALA B 23 24.23 -38.31 23.89
N LYS B 24 25.03 -39.34 23.61
CA LYS B 24 26.42 -39.33 24.04
C LYS B 24 27.20 -38.16 23.42
N ALA B 25 26.89 -37.83 22.17
CA ALA B 25 27.61 -36.76 21.49
C ALA B 25 27.26 -35.39 22.09
N VAL B 26 25.97 -35.12 22.27
CA VAL B 26 25.59 -33.80 22.78
C VAL B 26 26.01 -33.65 24.24
N LEU B 27 25.97 -34.73 25.02
CA LEU B 27 26.43 -34.64 26.41
C LEU B 27 27.93 -34.41 26.47
N ALA B 28 28.68 -34.99 25.54
CA ALA B 28 30.11 -34.75 25.48
C ALA B 28 30.42 -33.31 25.04
N ALA B 29 29.59 -32.74 24.16
CA ALA B 29 29.78 -31.35 23.76
C ALA B 29 29.45 -30.40 24.90
N ARG B 30 28.40 -30.71 25.67
CA ARG B 30 28.05 -29.86 26.81
C ARG B 30 29.16 -29.86 27.85
N GLU B 31 29.78 -31.00 28.07
CA GLU B 31 30.89 -31.09 29.03
C GLU B 31 32.03 -30.18 28.64
N GLN B 32 32.51 -30.31 27.39
CA GLN B 32 33.70 -29.58 26.98
C GLN B 32 33.45 -28.08 26.87
N LEU B 33 32.24 -27.67 26.47
CA LEU B 33 31.92 -26.26 26.33
C LEU B 33 31.54 -25.61 27.66
N GLY B 34 31.44 -26.38 28.74
CA GLY B 34 31.10 -25.80 30.04
C GLY B 34 29.69 -25.27 30.14
N LEU B 35 28.75 -25.89 29.43
CA LEU B 35 27.35 -25.45 29.44
C LEU B 35 26.61 -26.09 30.61
N THR B 36 25.80 -25.29 31.29
CA THR B 36 24.94 -25.79 32.34
C THR B 36 23.73 -26.50 31.72
N GLN B 37 22.92 -27.12 32.58
CA GLN B 37 21.73 -27.79 32.09
C GLN B 37 20.69 -26.78 31.61
N LEU B 38 20.61 -25.63 32.28
CA LEU B 38 19.65 -24.61 31.87
C LEU B 38 20.07 -23.96 30.56
N GLU B 39 21.38 -23.77 30.35
CA GLU B 39 21.85 -23.23 29.09
C GLU B 39 21.64 -24.22 27.95
N LEU B 40 21.93 -25.50 28.19
CA LEU B 40 21.64 -26.53 27.19
C LEU B 40 20.15 -26.66 26.94
N ALA B 41 19.34 -26.50 27.99
CA ALA B 41 17.89 -26.64 27.83
C ALA B 41 17.32 -25.56 26.92
N GLY B 42 17.83 -24.34 27.02
CA GLY B 42 17.35 -23.27 26.16
C GLY B 42 17.83 -23.38 24.72
N ILE B 43 18.89 -24.15 24.47
CA ILE B 43 19.39 -24.26 23.10
C ILE B 43 18.66 -25.35 22.34
N VAL B 44 18.43 -26.51 22.98
CA VAL B 44 17.73 -27.61 22.34
C VAL B 44 16.22 -27.59 22.59
N GLY B 45 15.74 -26.70 23.44
CA GLY B 45 14.30 -26.54 23.60
C GLY B 45 13.62 -27.62 24.42
N VAL B 46 14.24 -28.04 25.52
CA VAL B 46 13.67 -29.06 26.39
C VAL B 46 13.87 -28.59 27.83
N ASP B 47 13.22 -29.30 28.75
CA ASP B 47 13.35 -28.96 30.16
C ASP B 47 14.63 -29.52 30.75
N ARG B 48 15.04 -28.97 31.90
CA ARG B 48 16.26 -29.41 32.55
C ARG B 48 16.14 -30.84 33.06
N SER B 49 14.92 -31.29 33.36
CA SER B 49 14.74 -32.65 33.84
C SER B 49 14.92 -33.68 32.73
N ALA B 50 14.53 -33.32 31.50
CA ALA B 50 14.61 -34.27 30.39
C ALA B 50 16.05 -34.49 29.92
N ILE B 51 16.97 -33.59 30.27
CA ILE B 51 18.38 -33.80 29.91
C ILE B 51 18.95 -35.00 30.64
N SER B 52 18.56 -35.20 31.90
CA SER B 52 19.09 -36.30 32.70
C SER B 52 18.60 -37.65 32.22
N ARG B 53 17.51 -37.70 31.45
CA ARG B 53 17.00 -38.97 30.95
C ARG B 53 17.71 -39.43 29.68
N TRP B 54 18.48 -38.55 29.02
CA TRP B 54 19.19 -38.93 27.80
C TRP B 54 20.20 -40.03 28.05
N LYS B 55 20.83 -40.05 29.23
CA LYS B 55 21.87 -41.03 29.51
C LYS B 55 21.30 -42.45 29.54
N THR B 56 20.16 -42.64 30.21
CA THR B 56 19.60 -43.97 30.34
C THR B 56 18.84 -44.39 29.09
N GLN B 57 18.10 -43.47 28.48
CA GLN B 57 17.26 -43.77 27.32
C GLN B 57 17.90 -43.28 26.03
N GLY B 58 18.09 -41.97 25.87
CA GLY B 58 18.62 -41.43 24.63
C GLY B 58 17.90 -40.18 24.18
N LEU B 59 18.37 -39.61 23.07
CA LEU B 59 17.77 -38.42 22.49
C LEU B 59 17.25 -38.78 21.11
N ARG B 60 15.95 -38.53 20.88
CA ARG B 60 15.34 -38.90 19.61
C ARG B 60 15.99 -38.14 18.46
N VAL B 61 16.58 -38.88 17.52
CA VAL B 61 17.21 -38.27 16.36
C VAL B 61 16.16 -37.62 15.46
N ASP B 62 15.00 -38.26 15.34
CA ASP B 62 13.93 -37.77 14.48
C ASP B 62 13.16 -36.60 15.09
N SER B 63 13.61 -36.02 16.20
CA SER B 63 12.90 -34.94 16.86
C SER B 63 13.56 -33.60 16.55
N LYS B 64 12.79 -32.53 16.76
CA LYS B 64 13.35 -31.19 16.62
C LYS B 64 14.42 -30.94 17.66
N THR B 65 14.23 -31.48 18.88
CA THR B 65 15.28 -31.42 19.88
C THR B 65 16.52 -32.16 19.40
N GLY B 66 16.34 -33.27 18.69
CA GLY B 66 17.47 -33.99 18.15
C GLY B 66 18.18 -33.23 17.05
N GLU B 67 17.42 -32.57 16.18
CA GLU B 67 18.01 -31.74 15.13
C GLU B 67 18.80 -30.59 15.72
N LEU B 68 18.28 -29.95 16.78
CA LEU B 68 19.02 -28.86 17.41
C LEU B 68 20.21 -29.38 18.19
N ALA B 69 20.07 -30.54 18.83
CA ALA B 69 21.21 -31.15 19.49
C ALA B 69 22.32 -31.46 18.49
N LEU B 70 21.95 -31.94 17.31
CA LEU B 70 22.95 -32.16 16.26
C LEU B 70 23.61 -30.86 15.84
N LEU B 71 22.83 -29.79 15.72
CA LEU B 71 23.41 -28.50 15.37
C LEU B 71 24.38 -28.02 16.44
N LEU B 72 24.05 -28.26 17.72
CA LEU B 72 24.96 -27.88 18.79
C LEU B 72 26.26 -28.69 18.72
N VAL B 73 26.17 -29.98 18.39
CA VAL B 73 27.38 -30.79 18.25
C VAL B 73 28.25 -30.26 17.12
N ARG B 74 27.63 -29.88 15.99
CA ARG B 74 28.38 -29.31 14.89
C ARG B 74 29.06 -28.01 15.30
N VAL B 75 28.45 -27.25 16.21
CA VAL B 75 29.08 -26.04 16.71
C VAL B 75 30.32 -26.39 17.52
N TYR B 76 30.20 -27.38 18.41
CA TYR B 76 31.36 -27.82 19.19
C TYR B 76 32.46 -28.36 18.28
N ARG B 77 32.09 -29.07 17.22
CA ARG B 77 33.09 -29.59 16.28
C ARG B 77 33.79 -28.46 15.54
N ALA B 78 33.05 -27.40 15.22
CA ALA B 78 33.67 -26.26 14.56
C ALA B 78 34.57 -25.49 15.51
N LEU B 79 34.15 -25.36 16.78
CA LEU B 79 34.99 -24.69 17.77
C LEU B 79 36.26 -25.49 18.06
N TYR B 80 36.14 -26.81 18.09
CA TYR B 80 37.31 -27.64 18.36
C TYR B 80 38.34 -27.54 17.24
N ALA B 81 37.88 -27.52 15.99
CA ALA B 81 38.80 -27.45 14.86
C ALA B 81 39.41 -26.06 14.71
N LEU B 82 38.65 -25.01 15.04
CA LEU B 82 39.14 -23.65 14.84
C LEU B 82 40.15 -23.25 15.91
N PHE B 83 39.94 -23.68 17.15
CA PHE B 83 40.84 -23.38 18.26
C PHE B 83 41.81 -24.51 18.55
N GLY B 84 41.94 -25.48 17.65
CA GLY B 84 42.90 -26.55 17.82
C GLY B 84 42.64 -27.44 19.02
N GLY B 85 41.44 -27.41 19.58
CA GLY B 85 41.13 -28.18 20.76
C GLY B 85 41.38 -27.49 22.09
N GLN B 86 41.84 -26.22 22.08
CA GLN B 86 41.99 -25.49 23.33
C GLN B 86 40.63 -25.28 23.99
N GLN B 87 40.29 -26.14 24.94
CA GLN B 87 38.97 -26.09 25.58
C GLN B 87 38.72 -24.73 26.23
N GLU B 88 39.78 -24.09 26.74
CA GLU B 88 39.63 -22.80 27.39
C GLU B 88 39.33 -21.70 26.38
N ASP B 89 39.89 -21.80 25.17
CA ASP B 89 39.59 -20.81 24.13
C ASP B 89 38.20 -21.01 23.53
N MET B 90 37.72 -22.25 23.44
CA MET B 90 36.36 -22.49 22.96
C MET B 90 35.33 -21.89 23.91
N ARG B 91 35.57 -21.99 25.22
CA ARG B 91 34.64 -21.41 26.19
C ARG B 91 34.71 -19.89 26.18
N HIS B 92 35.90 -19.33 25.91
CA HIS B 92 36.02 -17.87 25.85
C HIS B 92 35.29 -17.30 24.64
N PHE B 93 35.31 -18.02 23.52
CA PHE B 93 34.63 -17.54 22.32
C PHE B 93 33.12 -17.48 22.55
N LEU B 94 32.55 -18.46 23.25
CA LEU B 94 31.10 -18.56 23.39
C LEU B 94 30.53 -17.47 24.28
N ARG B 95 31.27 -17.03 25.31
CA ARG B 95 30.73 -16.13 26.31
C ARG B 95 31.27 -14.71 26.21
N THR B 96 32.04 -14.40 25.16
CA THR B 96 32.52 -13.05 24.96
C THR B 96 31.79 -12.41 23.79
N PRO B 97 31.31 -11.17 23.92
CA PRO B 97 30.65 -10.51 22.78
C PRO B 97 31.59 -10.42 21.59
N ASN B 98 31.09 -10.84 20.43
CA ASN B 98 31.91 -10.95 19.23
C ASN B 98 31.83 -9.67 18.41
N HIS B 99 32.96 -9.31 17.80
CA HIS B 99 33.02 -8.09 17.00
C HIS B 99 32.26 -8.26 15.68
N HIS B 100 32.38 -9.42 15.05
CA HIS B 100 31.74 -9.67 13.77
C HIS B 100 30.29 -10.13 13.91
N LEU B 101 29.92 -10.69 15.05
CA LEU B 101 28.58 -11.20 15.29
C LEU B 101 27.73 -10.15 16.00
N ALA B 102 26.42 -10.41 16.05
CA ALA B 102 25.48 -9.47 16.63
C ALA B 102 25.42 -9.53 18.16
N GLY B 103 26.16 -10.45 18.78
CA GLY B 103 26.15 -10.53 20.23
C GLY B 103 27.01 -11.66 20.71
N GLU B 104 26.74 -12.12 21.93
CA GLU B 104 27.50 -13.22 22.51
C GLU B 104 27.08 -14.52 21.84
N PRO B 105 28.03 -15.33 21.36
CA PRO B 105 27.64 -16.54 20.63
C PRO B 105 26.73 -17.48 21.43
N LEU B 106 26.96 -17.63 22.73
CA LEU B 106 26.10 -18.50 23.52
C LEU B 106 24.69 -17.93 23.62
N ALA B 107 24.57 -16.60 23.65
CA ALA B 107 23.25 -15.98 23.68
C ALA B 107 22.55 -16.12 22.33
N LEU B 108 23.30 -16.00 21.23
CA LEU B 108 22.72 -16.19 19.91
C LEU B 108 22.17 -17.59 19.73
N MET B 109 22.88 -18.60 20.25
CA MET B 109 22.46 -19.98 20.11
C MET B 109 21.19 -20.30 20.89
N GLY B 110 20.73 -19.38 21.74
CA GLY B 110 19.48 -19.58 22.44
C GLY B 110 18.25 -19.58 21.55
N GLN B 111 18.37 -19.04 20.34
CA GLN B 111 17.30 -19.07 19.36
C GLN B 111 17.72 -19.91 18.15
N VAL B 112 16.72 -20.37 17.40
CA VAL B 112 16.96 -21.30 16.31
C VAL B 112 17.83 -20.66 15.23
N GLN B 113 17.43 -19.47 14.78
CA GLN B 113 18.16 -18.82 13.70
C GLN B 113 19.56 -18.39 14.14
N GLY B 114 19.73 -18.01 15.41
CA GLY B 114 21.05 -17.70 15.91
C GLY B 114 21.94 -18.92 16.04
N LEU B 115 21.33 -20.07 16.38
CA LEU B 115 22.11 -21.30 16.45
C LEU B 115 22.69 -21.67 15.09
N VAL B 116 21.88 -21.54 14.04
CA VAL B 116 22.38 -21.78 12.69
C VAL B 116 23.42 -20.74 12.30
N HIS B 117 23.20 -19.48 12.68
CA HIS B 117 24.11 -18.42 12.30
C HIS B 117 25.49 -18.61 12.91
N VAL B 118 25.55 -19.05 14.18
CA VAL B 118 26.84 -19.29 14.80
C VAL B 118 27.59 -20.41 14.09
N LEU B 119 26.86 -21.46 13.67
CA LEU B 119 27.50 -22.52 12.91
C LEU B 119 27.98 -22.04 11.55
N GLU B 120 27.17 -21.20 10.87
CA GLU B 120 27.59 -20.64 9.58
C GLU B 120 28.82 -19.75 9.74
N TYR B 121 28.89 -19.00 10.84
CA TYR B 121 30.05 -18.14 11.06
C TYR B 121 31.32 -18.96 11.31
N LEU B 122 31.19 -20.05 12.07
CA LEU B 122 32.37 -20.85 12.40
C LEU B 122 32.87 -21.62 11.19
N ASP B 123 31.96 -22.12 10.35
CA ASP B 123 32.38 -22.87 9.17
C ASP B 123 33.09 -21.97 8.16
N ALA B 124 32.71 -20.69 8.10
CA ALA B 124 33.32 -19.78 7.12
C ALA B 124 34.73 -19.38 7.53
N ILE B 125 34.94 -19.06 8.81
CA ILE B 125 36.27 -18.67 9.26
C ILE B 125 37.24 -19.84 9.22
N ARG B 126 36.72 -21.07 9.10
CA ARG B 126 37.56 -22.24 8.90
C ARG B 126 38.28 -22.14 7.55
N PRO C 14 43.98 -11.41 1.71
CA PRO C 14 43.89 -9.97 1.45
C PRO C 14 43.34 -9.66 0.05
N SER C 15 42.95 -8.40 -0.16
CA SER C 15 42.42 -7.97 -1.45
C SER C 15 43.56 -7.47 -2.32
N GLU C 16 43.69 -8.04 -3.52
CA GLU C 16 44.65 -7.53 -4.49
C GLU C 16 44.28 -6.12 -4.95
N ILE C 17 42.98 -5.84 -5.05
CA ILE C 17 42.55 -4.50 -5.46
C ILE C 17 42.85 -3.49 -4.37
N TRP C 18 42.85 -3.90 -3.10
CA TRP C 18 43.15 -2.96 -2.03
C TRP C 18 44.65 -2.76 -1.86
N ARG C 19 45.43 -3.84 -2.01
CA ARG C 19 46.88 -3.71 -1.98
C ARG C 19 47.35 -2.82 -3.12
N GLN C 20 46.95 -3.15 -4.35
CA GLN C 20 47.06 -2.20 -5.44
C GLN C 20 46.15 -1.01 -5.17
N CYS C 21 46.29 0.04 -5.97
CA CYS C 21 45.52 1.27 -5.76
C CYS C 21 45.90 1.98 -4.46
N LYS C 22 46.50 1.26 -3.51
CA LYS C 22 46.90 1.82 -2.22
C LYS C 22 45.70 2.47 -1.53
N GLY C 23 44.75 1.61 -1.17
CA GLY C 23 43.42 2.08 -0.77
C GLY C 23 43.45 3.05 0.40
N GLU C 24 44.29 2.78 1.40
CA GLU C 24 44.34 3.61 2.60
C GLU C 24 44.63 5.08 2.27
N ARG C 25 45.36 5.32 1.18
CA ARG C 25 45.71 6.69 0.80
C ARG C 25 44.53 7.45 0.23
N HIS C 26 43.47 6.76 -0.19
CA HIS C 26 42.33 7.40 -0.84
C HIS C 26 41.10 7.47 0.04
N ILE C 27 41.20 7.03 1.30
CA ILE C 27 40.10 7.18 2.25
C ILE C 27 39.92 8.65 2.58
N ARG C 28 38.70 9.14 2.46
CA ARG C 28 38.40 10.55 2.67
C ARG C 28 36.92 10.69 2.99
N PRO C 29 36.53 11.79 3.65
CA PRO C 29 35.11 11.98 3.96
C PRO C 29 34.25 12.01 2.70
N LEU C 30 33.01 11.55 2.86
CA LEU C 30 32.11 11.37 1.74
C LEU C 30 30.68 11.58 2.21
N GLN C 31 29.88 12.26 1.38
CA GLN C 31 28.49 12.58 1.69
C GLN C 31 27.62 12.35 0.46
N GLY C 32 26.31 12.37 0.67
CA GLY C 32 25.38 12.23 -0.42
C GLY C 32 24.02 11.77 0.07
N ARG C 33 23.15 11.49 -0.90
CA ARG C 33 21.84 10.93 -0.64
C ARG C 33 21.75 9.54 -1.26
N LEU C 34 20.82 8.74 -0.76
CA LEU C 34 20.61 7.39 -1.26
C LEU C 34 19.13 7.15 -1.48
N VAL C 35 18.82 6.24 -2.40
CA VAL C 35 17.47 5.81 -2.70
C VAL C 35 17.43 4.29 -2.62
N ARG C 36 16.36 3.76 -2.04
CA ARG C 36 16.24 2.33 -1.80
C ARG C 36 14.79 1.92 -2.04
N LEU C 37 14.61 0.84 -2.79
CA LEU C 37 13.29 0.32 -3.12
C LEU C 37 13.08 -0.96 -2.32
N VAL C 38 12.03 -1.00 -1.49
CA VAL C 38 11.78 -2.12 -0.60
C VAL C 38 10.34 -2.60 -0.79
N GLU C 39 10.09 -3.82 -0.37
CA GLU C 39 8.74 -4.36 -0.41
C GLU C 39 7.92 -3.85 0.77
N SER C 40 6.62 -3.68 0.53
CA SER C 40 5.61 -3.50 1.56
C SER C 40 4.79 -4.79 1.67
N GLN C 41 3.57 -4.68 2.18
CA GLN C 41 2.63 -5.81 2.30
C GLN C 41 3.05 -6.86 3.32
N GLU C 42 4.18 -6.69 4.01
CA GLU C 42 4.54 -7.61 5.10
C GLU C 42 3.53 -7.54 6.23
N GLN C 43 3.10 -6.33 6.61
CA GLN C 43 2.10 -6.21 7.65
C GLN C 43 0.71 -6.61 7.16
N VAL C 44 0.39 -6.30 5.91
CA VAL C 44 -0.84 -6.81 5.29
C VAL C 44 -0.87 -8.33 5.33
N ALA C 45 0.30 -8.96 5.13
CA ALA C 45 0.37 -10.42 5.13
C ALA C 45 -0.13 -11.01 6.44
N THR C 46 0.41 -10.54 7.57
CA THR C 46 0.03 -11.10 8.86
C THR C 46 -1.37 -10.68 9.28
N LEU C 47 -1.88 -9.57 8.74
CA LEU C 47 -3.26 -9.19 9.03
C LEU C 47 -4.24 -10.20 8.47
N GLN C 48 -3.85 -10.94 7.42
CA GLN C 48 -4.71 -12.00 6.88
C GLN C 48 -4.78 -13.21 7.79
N LEU C 49 -3.79 -13.39 8.68
CA LEU C 49 -3.74 -14.54 9.58
C LEU C 49 -4.61 -14.39 10.83
N VAL C 50 -4.89 -13.16 11.27
CA VAL C 50 -5.66 -12.94 12.48
C VAL C 50 -6.94 -12.17 12.13
N ASP C 51 -7.69 -11.74 13.15
CA ASP C 51 -8.95 -11.05 12.91
C ASP C 51 -8.89 -9.55 13.14
N THR C 52 -8.16 -9.10 14.16
CA THR C 52 -8.13 -7.68 14.53
C THR C 52 -6.74 -7.11 14.37
N LEU C 53 -6.68 -5.78 14.28
CA LEU C 53 -5.39 -5.10 14.22
C LEU C 53 -4.61 -5.27 15.52
N GLU C 54 -5.32 -5.41 16.64
CA GLU C 54 -4.64 -5.67 17.91
C GLU C 54 -4.00 -7.06 17.92
N GLU C 55 -4.68 -8.07 17.36
CA GLU C 55 -4.07 -9.39 17.26
C GLU C 55 -2.88 -9.38 16.32
N GLN C 56 -2.96 -8.62 15.23
CA GLN C 56 -1.85 -8.51 14.30
C GLN C 56 -0.66 -7.81 14.95
N ALA C 57 -0.92 -6.78 15.76
CA ALA C 57 0.19 -6.09 16.43
C ALA C 57 0.90 -7.02 17.41
N LEU C 58 0.14 -7.84 18.13
CA LEU C 58 0.76 -8.81 19.04
C LEU C 58 1.55 -9.87 18.26
N LEU C 59 0.99 -10.33 17.13
CA LEU C 59 1.69 -11.34 16.33
C LEU C 59 3.01 -10.79 15.78
N GLU C 60 2.99 -9.53 15.31
CA GLU C 60 4.22 -8.90 14.84
C GLU C 60 5.27 -8.82 15.94
N GLU C 61 4.84 -8.61 17.19
CA GLU C 61 5.78 -8.63 18.31
C GLU C 61 6.37 -10.02 18.53
N LEU C 62 5.54 -11.06 18.38
CA LEU C 62 6.06 -12.42 18.52
C LEU C 62 7.04 -12.76 17.40
N LEU C 63 6.72 -12.33 16.18
CA LEU C 63 7.63 -12.58 15.06
C LEU C 63 8.94 -11.84 15.23
N GLU C 64 8.91 -10.64 15.82
CA GLU C 64 10.12 -9.87 16.02
C GLU C 64 11.09 -10.59 16.95
N SER C 65 10.59 -11.31 17.94
CA SER C 65 11.45 -11.98 18.92
C SER C 65 12.24 -13.12 18.32
N SER C 66 11.79 -13.69 17.20
CA SER C 66 12.50 -14.79 16.57
C SER C 66 13.50 -14.33 15.51
N LYS C 67 13.53 -13.04 15.20
CA LYS C 67 14.42 -12.51 14.17
C LYS C 67 15.84 -12.38 14.70
N PRO C 68 16.83 -12.35 13.81
CA PRO C 68 18.20 -12.06 14.24
C PRO C 68 18.27 -10.70 14.92
N PRO C 69 19.08 -10.57 15.97
CA PRO C 69 19.08 -9.32 16.73
C PRO C 69 19.67 -8.17 15.93
N VAL C 70 19.15 -6.97 16.23
CA VAL C 70 19.65 -5.75 15.60
C VAL C 70 21.00 -5.39 16.22
N PRO C 71 22.00 -5.05 15.42
CA PRO C 71 23.27 -4.55 16.00
C PRO C 71 23.01 -3.33 16.88
N ALA C 72 23.76 -3.24 17.97
CA ALA C 72 23.46 -2.25 19.02
C ALA C 72 23.44 -0.83 18.49
N ASP C 73 24.31 -0.51 17.52
CA ASP C 73 24.36 0.83 16.97
C ASP C 73 23.20 1.14 16.02
N ALA C 74 22.56 0.12 15.46
CA ALA C 74 21.43 0.36 14.57
C ALA C 74 20.08 0.39 15.28
N GLU C 75 20.03 0.00 16.56
CA GLU C 75 18.75 -0.08 17.26
C GLU C 75 18.00 1.25 17.32
N PRO C 76 18.64 2.39 17.64
CA PRO C 76 17.87 3.65 17.72
C PRO C 76 17.44 4.21 16.37
N LEU C 77 17.73 3.52 15.27
CA LEU C 77 17.35 4.04 13.97
C LEU C 77 15.90 3.67 13.64
N HIS C 78 15.39 4.31 12.59
CA HIS C 78 14.07 3.99 12.07
C HIS C 78 14.04 2.56 11.55
N TYR C 79 12.84 1.97 11.56
CA TYR C 79 12.67 0.58 11.17
C TYR C 79 13.23 0.30 9.78
N LEU C 80 13.01 1.21 8.83
CA LEU C 80 13.50 1.00 7.48
C LEU C 80 15.02 1.16 7.36
N LEU C 81 15.64 1.88 8.30
CA LEU C 81 17.09 2.05 8.27
C LEU C 81 17.82 0.96 9.04
N LYS C 82 17.22 0.41 10.09
CA LYS C 82 17.88 -0.59 10.91
C LYS C 82 17.73 -2.01 10.38
N THR C 83 16.64 -2.31 9.67
CA THR C 83 16.38 -3.68 9.24
C THR C 83 17.47 -4.27 8.35
N PRO C 84 18.00 -3.57 7.35
CA PRO C 84 19.06 -4.19 6.52
C PRO C 84 20.29 -4.64 7.30
N PHE C 85 20.56 -4.07 8.47
CA PHE C 85 21.74 -4.45 9.25
C PHE C 85 21.52 -5.73 10.06
N ARG C 86 20.30 -6.24 10.14
CA ARG C 86 20.05 -7.39 11.01
C ARG C 86 20.01 -8.72 10.27
N TYR C 87 19.69 -8.73 8.98
CA TYR C 87 19.55 -10.04 8.36
C TYR C 87 20.82 -10.41 7.60
N PRO C 88 21.17 -11.70 7.56
CA PRO C 88 22.31 -12.13 6.75
C PRO C 88 21.96 -12.06 5.27
N PRO C 89 22.96 -11.96 4.40
CA PRO C 89 22.67 -11.91 2.96
C PRO C 89 22.36 -13.29 2.41
N LEU C 90 22.19 -13.38 1.09
CA LEU C 90 22.07 -14.68 0.43
C LEU C 90 23.31 -15.53 0.70
N ARG C 91 23.15 -16.85 0.53
CA ARG C 91 24.20 -17.79 0.91
C ARG C 91 25.47 -17.57 0.11
N TRP C 92 25.37 -17.09 -1.12
CA TRP C 92 26.56 -16.75 -1.90
C TRP C 92 27.08 -15.35 -1.58
N GLY C 93 26.57 -14.70 -0.54
CA GLY C 93 27.03 -13.40 -0.13
C GLY C 93 26.47 -12.27 -0.98
N SER C 94 26.69 -11.05 -0.51
CA SER C 94 26.44 -9.85 -1.30
C SER C 94 27.70 -9.52 -2.11
N ARG C 95 27.64 -8.44 -2.87
CA ARG C 95 28.76 -8.08 -3.75
C ARG C 95 30.02 -7.75 -2.94
N PHE C 96 29.87 -7.06 -1.81
CA PHE C 96 31.00 -6.64 -0.99
C PHE C 96 30.95 -7.21 0.42
N GLY C 97 30.11 -8.20 0.68
CA GLY C 97 30.01 -8.79 2.00
C GLY C 97 29.63 -10.24 1.90
N ARG C 98 30.15 -11.04 2.84
CA ARG C 98 29.90 -12.47 2.84
C ARG C 98 29.02 -12.87 4.02
N ARG C 99 28.56 -14.12 3.97
CA ARG C 99 27.59 -14.63 4.92
C ARG C 99 28.08 -14.55 6.36
N HIS C 100 29.39 -14.52 6.59
CA HIS C 100 29.95 -14.54 7.94
C HIS C 100 30.29 -13.15 8.46
N GLU C 101 30.09 -12.10 7.68
CA GLU C 101 30.35 -10.74 8.11
C GLU C 101 29.05 -9.98 8.34
N PRO C 102 29.08 -8.91 9.12
CA PRO C 102 27.87 -8.08 9.28
C PRO C 102 27.39 -7.58 7.94
N SER C 103 26.07 -7.64 7.73
CA SER C 103 25.49 -7.21 6.47
C SER C 103 25.69 -5.72 6.26
N LEU C 104 25.65 -5.31 5.00
CA LEU C 104 25.79 -3.92 4.61
C LEU C 104 24.44 -3.34 4.22
N PHE C 105 24.34 -2.02 4.31
CA PHE C 105 23.16 -1.30 3.82
C PHE C 105 23.43 -0.92 2.37
N TYR C 106 22.78 -1.62 1.45
CA TYR C 106 22.94 -1.35 0.02
C TYR C 106 21.84 -0.43 -0.48
N ALA C 107 22.24 0.58 -1.26
CA ALA C 107 21.27 1.48 -1.88
C ALA C 107 21.87 2.05 -3.15
N ALA C 108 21.07 2.84 -3.87
CA ALA C 108 21.49 3.51 -5.08
C ALA C 108 21.54 5.01 -4.86
N LEU C 109 22.31 5.68 -5.71
CA LEU C 109 22.39 7.15 -5.64
C LEU C 109 21.19 7.81 -6.29
N LYS C 110 20.56 7.14 -7.26
CA LYS C 110 19.42 7.68 -7.99
C LYS C 110 18.33 6.64 -8.08
N LEU C 111 17.12 7.11 -8.35
CA LEU C 111 15.94 6.24 -8.33
C LEU C 111 16.01 5.19 -9.44
N GLU C 112 16.38 5.60 -10.65
CA GLU C 112 16.38 4.67 -11.78
C GLU C 112 17.39 3.53 -11.56
N THR C 113 18.49 3.81 -10.86
CA THR C 113 19.44 2.75 -10.51
C THR C 113 18.84 1.81 -9.45
N ALA C 114 18.11 2.37 -8.49
CA ALA C 114 17.46 1.55 -7.48
C ALA C 114 16.44 0.61 -8.10
N MET C 115 15.70 1.10 -9.11
CA MET C 115 14.73 0.25 -9.79
C MET C 115 15.40 -0.86 -10.58
N ALA C 116 16.56 -0.57 -11.19
CA ALA C 116 17.28 -1.61 -11.93
C ALA C 116 17.77 -2.71 -10.99
N GLU C 117 18.32 -2.34 -9.83
CA GLU C 117 18.76 -3.34 -8.88
C GLU C 117 17.59 -4.14 -8.33
N SER C 118 16.45 -3.47 -8.08
CA SER C 118 15.26 -4.17 -7.62
C SER C 118 14.71 -5.10 -8.70
N ALA C 119 14.65 -4.62 -9.96
CA ALA C 119 14.16 -5.49 -11.03
C ALA C 119 15.03 -6.73 -11.20
N TYR C 120 16.35 -6.59 -11.01
CA TYR C 120 17.22 -7.74 -11.16
C TYR C 120 16.90 -8.81 -10.13
N TYR C 121 16.70 -8.42 -8.87
CA TYR C 121 16.36 -9.39 -7.82
C TYR C 121 14.92 -9.90 -7.91
N ARG C 122 14.04 -9.20 -8.63
CA ARG C 122 12.79 -9.84 -9.02
C ARG C 122 13.05 -10.99 -9.99
N CYS C 123 13.96 -10.80 -10.95
CA CYS C 123 14.31 -11.90 -11.85
C CYS C 123 15.05 -13.01 -11.12
N VAL C 124 15.85 -12.66 -10.10
CA VAL C 124 16.54 -13.67 -9.31
C VAL C 124 15.53 -14.58 -8.61
N LEU C 125 14.51 -13.98 -7.98
CA LEU C 125 13.48 -14.79 -7.34
C LEU C 125 12.76 -15.65 -8.36
N TRP C 126 12.37 -15.05 -9.49
CA TRP C 126 11.67 -15.79 -10.55
C TRP C 126 12.49 -16.98 -11.05
N SER C 127 13.76 -16.74 -11.40
CA SER C 127 14.64 -17.75 -11.99
C SER C 127 15.09 -18.83 -11.00
N GLY C 128 14.92 -18.63 -9.69
CA GLY C 128 15.25 -19.69 -8.74
C GLY C 128 14.36 -20.91 -8.89
N MET C 129 13.08 -20.71 -9.18
CA MET C 129 12.16 -21.82 -9.34
C MET C 129 12.43 -22.55 -10.65
N VAL C 130 12.57 -23.88 -10.57
CA VAL C 130 12.83 -24.66 -11.78
C VAL C 130 11.69 -24.50 -12.77
N VAL C 131 10.47 -24.43 -12.27
CA VAL C 131 9.28 -24.15 -13.08
C VAL C 131 8.83 -22.73 -12.76
N PRO C 132 8.67 -21.87 -13.77
CA PRO C 132 8.35 -20.45 -13.49
C PRO C 132 7.01 -20.32 -12.79
N PRO C 133 6.78 -19.19 -12.11
CA PRO C 133 5.52 -19.03 -11.37
C PRO C 133 4.32 -19.16 -12.29
N PRO C 134 3.22 -19.74 -11.80
CA PRO C 134 2.03 -19.91 -12.63
C PRO C 134 1.38 -18.57 -12.94
N SER C 135 0.72 -18.52 -14.11
CA SER C 135 0.01 -17.33 -14.59
C SER C 135 0.99 -16.33 -15.18
N GLY C 136 2.28 -16.53 -14.96
CA GLY C 136 3.31 -15.75 -15.62
C GLY C 136 3.23 -14.27 -15.33
N ARG C 137 2.77 -13.91 -14.14
CA ARG C 137 2.67 -12.50 -13.77
C ARG C 137 2.50 -12.41 -12.26
N ILE C 138 3.23 -11.47 -11.66
CA ILE C 138 3.18 -11.22 -10.22
C ILE C 138 2.96 -9.73 -10.02
N LEU C 139 1.85 -9.36 -9.41
CA LEU C 139 1.53 -7.99 -9.06
C LEU C 139 1.85 -7.81 -7.58
N SER C 140 2.90 -7.05 -7.29
CA SER C 140 3.33 -6.78 -5.93
C SER C 140 3.44 -5.28 -5.71
N GLU C 141 3.52 -4.89 -4.44
CA GLU C 141 3.57 -3.48 -4.07
C GLU C 141 4.87 -3.21 -3.34
N HIS C 142 5.52 -2.11 -3.67
CA HIS C 142 6.82 -1.75 -3.14
C HIS C 142 6.78 -0.31 -2.64
N ALA C 143 7.83 0.08 -1.94
CA ALA C 143 7.97 1.45 -1.44
C ALA C 143 9.42 1.89 -1.59
N SER C 144 9.61 3.13 -2.04
CA SER C 144 10.93 3.73 -2.11
C SER C 144 11.06 4.83 -1.06
N PHE C 145 12.27 5.00 -0.54
CA PHE C 145 12.55 6.09 0.38
C PHE C 145 13.95 6.63 0.13
N GLU C 146 14.18 7.85 0.61
CA GLU C 146 15.46 8.53 0.48
C GLU C 146 16.01 8.85 1.87
N ALA C 147 17.33 8.99 1.94
CA ALA C 147 17.99 9.29 3.20
C ALA C 147 19.35 9.90 2.92
N GLY C 148 19.79 10.79 3.82
CA GLY C 148 21.11 11.36 3.75
C GLY C 148 22.14 10.52 4.50
N TRP C 149 23.35 10.47 3.97
CA TRP C 149 24.43 9.74 4.61
C TRP C 149 25.71 10.56 4.56
N LYS C 150 26.50 10.51 5.63
CA LYS C 150 27.77 11.21 5.71
C LYS C 150 28.73 10.41 6.56
N VAL C 151 29.95 10.23 6.05
CA VAL C 151 30.99 9.52 6.78
C VAL C 151 32.28 10.31 6.68
N GLU C 152 33.15 10.14 7.68
CA GLU C 152 34.46 10.77 7.60
C GLU C 152 35.48 9.91 6.87
N ARG C 153 35.19 8.62 6.69
CA ARG C 153 36.12 7.67 6.05
C ARG C 153 35.36 6.95 4.92
N GLY C 154 35.42 7.50 3.72
CA GLY C 154 34.71 6.96 2.58
C GLY C 154 35.64 6.65 1.42
N ILE C 155 35.12 5.87 0.48
CA ILE C 155 35.86 5.44 -0.71
C ILE C 155 34.94 5.51 -1.91
N ARG C 156 35.45 6.01 -3.03
CA ARG C 156 34.74 6.00 -4.30
C ARG C 156 35.38 4.94 -5.19
N LEU C 157 34.72 3.79 -5.33
CA LEU C 157 35.26 2.73 -6.18
C LEU C 157 35.12 3.05 -7.67
N GLN C 158 34.24 3.99 -8.04
CA GLN C 158 34.15 4.43 -9.42
C GLN C 158 35.17 5.50 -9.77
N ALA C 159 36.03 5.88 -8.82
CA ALA C 159 37.04 6.91 -8.99
C ALA C 159 38.28 6.34 -9.68
N PRO C 160 39.10 7.20 -10.30
CA PRO C 160 40.22 6.73 -11.13
C PRO C 160 41.09 5.68 -10.46
N PRO C 161 41.44 5.82 -9.17
CA PRO C 161 42.29 4.78 -8.56
C PRO C 161 41.68 3.39 -8.62
N PHE C 162 40.42 3.23 -8.23
CA PHE C 162 39.80 1.91 -8.19
C PHE C 162 39.08 1.54 -9.48
N SER C 163 38.78 2.51 -10.33
CA SER C 163 38.10 2.23 -11.59
C SER C 163 38.95 1.42 -12.56
N ASP C 164 40.26 1.27 -12.29
CA ASP C 164 41.07 0.36 -13.08
C ASP C 164 40.64 -1.09 -12.90
N HIS C 165 39.88 -1.40 -11.85
CA HIS C 165 39.36 -2.74 -11.61
C HIS C 165 37.86 -2.83 -11.80
N GLU C 166 37.27 -1.88 -12.54
CA GLU C 166 35.82 -1.81 -12.65
C GLU C 166 35.23 -3.05 -13.31
N ALA C 167 35.97 -3.69 -14.22
CA ALA C 167 35.49 -4.92 -14.83
C ALA C 167 35.33 -6.02 -13.78
N ALA C 168 36.26 -6.10 -12.83
CA ALA C 168 36.16 -7.13 -11.80
C ALA C 168 35.20 -6.74 -10.69
N LEU C 169 34.96 -5.44 -10.51
CA LEU C 169 34.06 -4.96 -9.48
C LEU C 169 32.60 -5.00 -9.92
N THR C 170 32.34 -4.95 -11.23
CA THR C 170 30.99 -4.97 -11.78
C THR C 170 30.67 -6.28 -12.49
N ASP C 171 31.37 -7.36 -12.12
CA ASP C 171 31.14 -8.64 -12.76
C ASP C 171 29.74 -9.16 -12.44
N ILE C 172 29.11 -9.81 -13.43
CA ILE C 172 27.70 -10.15 -13.28
C ILE C 172 27.46 -11.43 -12.47
N ALA C 173 28.49 -12.27 -12.27
CA ALA C 173 28.26 -13.56 -11.60
C ALA C 173 29.50 -14.06 -10.87
N ASP C 174 30.42 -13.15 -10.54
CA ASP C 174 31.60 -13.49 -9.76
C ASP C 174 31.81 -12.42 -8.69
N TYR C 175 31.64 -12.82 -7.44
CA TYR C 175 31.72 -11.93 -6.29
C TYR C 175 33.07 -11.96 -5.57
N ARG C 176 34.00 -12.84 -5.97
CA ARG C 176 35.20 -13.07 -5.16
C ARG C 176 36.01 -11.79 -4.98
N ALA C 177 36.35 -11.12 -6.09
CA ALA C 177 37.16 -9.91 -5.99
C ALA C 177 36.47 -8.80 -5.21
N PRO C 178 35.21 -8.42 -5.49
CA PRO C 178 34.58 -7.38 -4.65
C PRO C 178 34.38 -7.81 -3.21
N GLN C 179 34.15 -9.09 -2.93
CA GLN C 179 33.94 -9.52 -1.55
C GLN C 179 35.23 -9.44 -0.74
N GLU C 180 36.36 -9.77 -1.36
CA GLU C 180 37.64 -9.59 -0.67
C GLU C 180 37.96 -8.12 -0.50
N LEU C 181 37.64 -7.28 -1.49
CA LEU C 181 37.83 -5.85 -1.34
C LEU C 181 36.97 -5.30 -0.20
N GLY C 182 35.75 -5.81 -0.05
CA GLY C 182 34.90 -5.36 1.03
C GLY C 182 35.47 -5.68 2.40
N SER C 183 36.00 -6.89 2.57
CA SER C 183 36.62 -7.24 3.85
C SER C 183 37.85 -6.38 4.11
N ALA C 184 38.61 -6.05 3.06
CA ALA C 184 39.80 -5.22 3.22
C ALA C 184 39.43 -3.80 3.57
N MET C 185 38.37 -3.26 2.97
CA MET C 185 37.89 -1.94 3.36
C MET C 185 37.32 -1.95 4.76
N ARG C 186 36.62 -3.02 5.13
CA ARG C 186 36.05 -3.12 6.47
C ARG C 186 37.16 -3.09 7.52
N SER C 187 38.20 -3.91 7.34
CA SER C 187 39.29 -3.95 8.32
C SER C 187 40.07 -2.64 8.36
N ALA C 188 40.18 -1.96 7.22
CA ALA C 188 40.86 -0.68 7.15
C ALA C 188 40.05 0.48 7.72
N GLY C 189 38.85 0.23 8.22
CA GLY C 189 38.05 1.27 8.84
C GLY C 189 37.17 2.09 7.90
N VAL C 190 36.97 1.63 6.67
CA VAL C 190 36.06 2.33 5.76
C VAL C 190 34.64 2.24 6.32
N GLN C 191 33.94 3.37 6.34
CA GLN C 191 32.60 3.44 6.88
C GLN C 191 31.53 3.32 5.81
N ALA C 192 31.78 3.83 4.61
CA ALA C 192 30.85 3.75 3.50
C ALA C 192 31.62 3.94 2.20
N PHE C 193 31.04 3.43 1.11
CA PHE C 193 31.71 3.57 -0.16
C PHE C 193 30.67 3.52 -1.29
N GLU C 194 30.98 4.27 -2.35
CA GLU C 194 30.20 4.24 -3.58
C GLU C 194 30.86 3.30 -4.58
N TYR C 195 30.06 2.77 -5.50
CA TYR C 195 30.59 1.84 -6.49
C TYR C 195 29.69 1.86 -7.71
N ARG C 196 30.25 1.40 -8.83
CA ARG C 196 29.49 1.34 -10.08
C ARG C 196 28.51 0.17 -10.02
N SER C 197 27.25 0.43 -10.36
CA SER C 197 26.27 -0.65 -10.37
C SER C 197 26.55 -1.64 -11.50
N ALA C 198 26.39 -2.92 -11.19
CA ALA C 198 26.58 -3.97 -12.17
C ALA C 198 25.34 -4.24 -13.02
N ARG C 199 24.18 -3.75 -12.59
CA ARG C 199 22.92 -4.03 -13.24
C ARG C 199 22.29 -2.82 -13.93
N CYS C 200 22.63 -1.60 -13.52
CA CYS C 200 21.97 -0.42 -14.07
C CYS C 200 22.44 -0.18 -15.50
N PRO C 201 21.54 -0.14 -16.49
CA PRO C 201 22.00 0.04 -17.88
C PRO C 201 22.50 1.44 -18.15
N GLU C 202 22.05 2.44 -17.40
CA GLU C 202 22.57 3.80 -17.53
C GLU C 202 23.87 4.02 -16.77
N ARG C 203 24.44 2.94 -16.22
CA ARG C 203 25.70 2.99 -15.47
C ARG C 203 25.61 3.93 -14.27
N GLY C 204 24.48 3.86 -13.56
CA GLY C 204 24.36 4.57 -12.31
C GLY C 204 25.26 4.00 -11.23
N CYS C 205 25.45 4.78 -10.19
CA CYS C 205 26.30 4.40 -9.07
C CYS C 205 25.46 4.04 -7.85
N ASN C 206 25.98 3.13 -7.05
CA ASN C 206 25.35 2.69 -5.81
C ASN C 206 26.16 3.20 -4.63
N VAL C 207 25.69 2.89 -3.42
CA VAL C 207 26.41 3.21 -2.19
C VAL C 207 26.14 2.11 -1.20
N ALA C 208 27.18 1.71 -0.46
CA ALA C 208 27.05 0.74 0.61
C ALA C 208 27.54 1.35 1.91
N LEU C 209 26.84 1.03 3.00
CA LEU C 209 27.19 1.53 4.32
C LEU C 209 27.58 0.36 5.19
N PHE C 210 28.79 0.43 5.79
CA PHE C 210 29.21 -0.59 6.74
C PHE C 210 28.54 -0.41 8.09
N THR C 211 28.31 0.84 8.50
CA THR C 211 27.85 1.18 9.84
C THR C 211 26.57 2.00 9.79
N PRO C 212 25.65 1.80 10.73
CA PRO C 212 24.44 2.63 10.78
C PRO C 212 24.71 4.09 11.15
N ALA C 213 25.90 4.41 11.66
CA ALA C 213 26.23 5.79 12.00
C ALA C 213 26.37 6.69 10.77
N ALA C 214 26.36 6.10 9.57
CA ALA C 214 26.44 6.90 8.34
C ALA C 214 25.20 7.77 8.14
N PHE C 215 24.06 7.35 8.66
CA PHE C 215 22.83 8.08 8.40
C PHE C 215 22.84 9.43 9.13
N THR C 216 22.59 10.50 8.37
CA THR C 216 22.56 11.83 8.96
C THR C 216 21.22 12.11 9.62
N GLU C 217 20.12 11.73 8.96
CA GLU C 217 18.79 12.06 9.44
C GLU C 217 18.24 10.97 10.35
N LYS C 218 17.11 11.28 10.97
CA LYS C 218 16.45 10.39 11.91
C LYS C 218 15.33 9.57 11.26
N ARG C 219 14.82 10.01 10.10
CA ARG C 219 13.64 9.42 9.50
C ARG C 219 13.82 9.37 7.99
N PRO C 220 13.49 8.24 7.36
CA PRO C 220 13.58 8.16 5.90
C PRO C 220 12.62 9.15 5.23
N ARG C 221 13.03 9.67 4.08
CA ARG C 221 12.32 10.76 3.43
C ARG C 221 11.74 10.31 2.10
N ASN C 222 10.64 10.98 1.70
CA ASN C 222 10.01 10.77 0.40
C ASN C 222 9.55 9.32 0.22
N LEU C 223 8.92 8.78 1.25
CA LEU C 223 8.35 7.43 1.15
C LEU C 223 7.30 7.42 0.04
N THR C 224 7.53 6.59 -0.97
CA THR C 224 6.69 6.58 -2.17
C THR C 224 6.26 5.14 -2.46
N PRO C 225 4.96 4.85 -2.52
CA PRO C 225 4.52 3.50 -2.89
C PRO C 225 4.64 3.26 -4.38
N TRP C 226 5.00 2.03 -4.75
CA TRP C 226 5.16 1.64 -6.15
C TRP C 226 4.39 0.35 -6.42
N LEU C 227 3.81 0.25 -7.60
CA LEU C 227 3.23 -1.00 -8.08
C LEU C 227 4.25 -1.69 -8.97
N CYS C 228 4.47 -2.98 -8.74
CA CYS C 228 5.44 -3.75 -9.50
C CYS C 228 4.75 -4.87 -10.26
N GLU C 229 5.15 -5.06 -11.51
CA GLU C 229 4.63 -6.13 -12.33
C GLU C 229 5.81 -6.95 -12.84
N THR C 230 5.89 -8.21 -12.42
CA THR C 230 7.00 -9.08 -12.80
C THR C 230 6.47 -10.20 -13.70
N THR C 231 7.00 -10.29 -14.92
CA THR C 231 6.71 -11.36 -15.86
C THR C 231 8.00 -12.09 -16.22
N ALA C 232 7.89 -13.06 -17.12
CA ALA C 232 9.08 -13.73 -17.62
C ALA C 232 9.91 -12.83 -18.52
N GLY C 233 9.34 -11.75 -19.05
CA GLY C 233 10.06 -10.91 -20.00
C GLY C 233 10.48 -9.53 -19.49
N TYR C 234 9.82 -9.02 -18.46
CA TYR C 234 10.14 -7.68 -17.99
C TYR C 234 9.71 -7.52 -16.55
N VAL C 235 10.24 -6.49 -15.91
CA VAL C 235 9.77 -6.00 -14.61
C VAL C 235 9.42 -4.54 -14.77
N ALA C 236 8.21 -4.15 -14.33
CA ALA C 236 7.70 -2.81 -14.51
C ALA C 236 7.32 -2.18 -13.18
N PHE C 237 7.58 -0.89 -13.05
CA PHE C 237 7.29 -0.13 -11.83
C PHE C 237 6.44 1.08 -12.19
N LYS C 238 5.52 1.43 -11.31
CA LYS C 238 4.60 2.51 -11.55
C LYS C 238 4.14 3.02 -10.20
N PRO C 239 4.03 4.34 -10.01
CA PRO C 239 3.57 4.86 -8.71
C PRO C 239 2.17 4.37 -8.38
N ALA C 240 1.97 4.03 -7.11
CA ALA C 240 0.69 3.51 -6.63
C ALA C 240 -0.26 4.59 -6.16
N HIS C 241 0.21 5.82 -5.99
CA HIS C 241 -0.61 6.88 -5.41
C HIS C 241 -0.87 8.05 -6.34
N VAL C 242 -0.13 8.20 -7.43
CA VAL C 242 -0.31 9.32 -8.33
C VAL C 242 -0.36 8.82 -9.77
N PRO C 243 -0.91 9.65 -10.66
CA PRO C 243 -0.98 9.28 -12.06
C PRO C 243 0.45 9.23 -12.61
N GLY C 244 0.74 8.19 -13.37
CA GLY C 244 2.08 8.05 -13.95
C GLY C 244 2.13 7.03 -15.07
N SER C 245 3.29 6.90 -15.67
CA SER C 245 3.49 5.91 -16.75
C SER C 245 4.51 4.87 -16.27
N PRO C 246 4.38 3.58 -16.63
CA PRO C 246 5.32 2.57 -16.10
C PRO C 246 6.72 2.74 -16.65
N LYS C 247 7.69 2.41 -15.80
CA LYS C 247 9.09 2.31 -16.20
C LYS C 247 9.43 0.83 -16.32
N ILE C 248 9.87 0.40 -17.50
CA ILE C 248 9.97 -1.01 -17.84
C ILE C 248 11.42 -1.43 -17.82
N PHE C 249 11.68 -2.61 -17.25
CA PHE C 249 13.02 -3.20 -17.18
C PHE C 249 12.93 -4.60 -17.74
N SER C 250 13.38 -4.76 -18.98
CA SER C 250 13.38 -6.07 -19.62
C SER C 250 14.36 -7.01 -18.93
N TRP C 251 14.09 -8.31 -19.02
CA TRP C 251 15.08 -9.31 -18.63
C TRP C 251 16.34 -9.19 -19.48
N GLU C 252 16.22 -8.66 -20.71
CA GLU C 252 17.38 -8.51 -21.57
C GLU C 252 18.43 -7.57 -21.01
N LEU C 253 18.08 -6.78 -20.00
CA LEU C 253 19.07 -5.95 -19.33
C LEU C 253 20.04 -6.76 -18.49
N PHE C 254 19.68 -7.99 -18.12
CA PHE C 254 20.45 -8.79 -17.18
C PHE C 254 20.91 -10.14 -17.73
N LEU C 255 20.17 -10.71 -18.68
CA LEU C 255 20.51 -12.02 -19.23
C LEU C 255 21.85 -11.99 -19.96
N VAL C 256 22.57 -13.10 -19.87
CA VAL C 256 23.86 -13.23 -20.53
C VAL C 256 23.71 -14.11 -21.76
N ASP C 257 23.56 -15.41 -21.55
CA ASP C 257 23.33 -16.31 -22.67
C ASP C 257 21.98 -16.97 -22.52
N GLY C 258 20.91 -16.19 -22.46
CA GLY C 258 19.61 -16.77 -22.21
C GLY C 258 19.39 -17.23 -20.80
N LYS C 259 20.32 -16.96 -19.88
CA LYS C 259 20.19 -17.36 -18.50
C LYS C 259 20.49 -16.17 -17.59
N LEU C 260 19.84 -16.13 -16.45
CA LEU C 260 20.09 -15.05 -15.51
C LEU C 260 21.36 -15.35 -14.71
N PRO C 261 22.33 -14.44 -14.71
CA PRO C 261 23.59 -14.72 -14.00
C PRO C 261 23.45 -14.49 -12.50
N HIS C 262 24.09 -15.37 -11.74
CA HIS C 262 24.19 -15.22 -10.29
C HIS C 262 25.39 -16.02 -9.81
N PRO C 263 26.09 -15.57 -8.76
CA PRO C 263 27.28 -16.26 -8.24
C PRO C 263 26.96 -17.60 -7.58
N ASP D 3 21.93 2.93 -24.50
CA ASP D 3 21.78 2.11 -25.70
C ASP D 3 21.17 0.75 -25.38
N LEU D 4 21.63 0.12 -24.30
CA LEU D 4 21.04 -1.14 -23.87
C LEU D 4 19.60 -0.94 -23.39
N ASN D 5 19.34 0.09 -22.62
CA ASN D 5 17.96 0.35 -22.18
C ASN D 5 17.08 0.72 -23.39
N TRP D 6 17.61 1.50 -24.33
CA TRP D 6 16.77 1.93 -25.44
C TRP D 6 16.29 0.74 -26.26
N ILE D 7 17.20 -0.14 -26.66
CA ILE D 7 16.81 -1.26 -27.51
C ILE D 7 16.00 -2.28 -26.71
N SER D 8 16.28 -2.44 -25.42
CA SER D 8 15.54 -3.42 -24.62
C SER D 8 14.08 -3.01 -24.48
N SER D 9 13.84 -1.72 -24.21
CA SER D 9 12.47 -1.24 -24.10
C SER D 9 11.76 -1.26 -25.45
N ALA D 10 12.49 -1.00 -26.54
CA ALA D 10 11.84 -0.98 -27.85
C ALA D 10 11.37 -2.37 -28.27
N LEU D 11 12.06 -3.43 -27.85
CA LEU D 11 11.68 -4.78 -28.22
C LEU D 11 10.46 -5.28 -27.47
N ILE D 12 10.11 -4.67 -26.34
CA ILE D 12 9.01 -5.14 -25.51
C ILE D 12 7.92 -4.10 -25.32
N LYS D 13 8.05 -2.92 -25.94
CA LYS D 13 7.10 -1.85 -25.69
C LYS D 13 5.72 -2.22 -26.22
N GLU D 14 4.70 -2.01 -25.40
CA GLU D 14 3.33 -2.28 -25.76
C GLU D 14 2.59 -0.95 -25.94
N ARG D 15 1.87 -0.82 -27.06
CA ARG D 15 1.06 0.37 -27.35
C ARG D 15 -0.41 -0.07 -27.41
N PRO D 16 -1.07 -0.17 -26.25
CA PRO D 16 -2.42 -0.73 -26.23
C PRO D 16 -3.46 0.21 -26.83
N SER D 17 -4.54 -0.39 -27.31
CA SER D 17 -5.65 0.36 -27.89
C SER D 17 -6.59 0.87 -26.80
N ALA D 18 -6.99 2.14 -26.93
CA ALA D 18 -7.89 2.72 -25.93
C ALA D 18 -9.24 2.00 -25.92
N ASP D 19 -9.83 1.77 -27.09
CA ASP D 19 -11.13 1.10 -27.15
C ASP D 19 -11.05 -0.34 -26.64
N ALA D 20 -9.94 -1.04 -26.92
CA ALA D 20 -9.78 -2.41 -26.46
C ALA D 20 -9.54 -2.46 -24.95
N VAL D 21 -8.78 -1.49 -24.42
CA VAL D 21 -8.52 -1.45 -22.99
C VAL D 21 -9.80 -1.19 -22.21
N LEU D 22 -10.62 -0.23 -22.68
CA LEU D 22 -11.88 0.06 -22.00
C LEU D 22 -12.83 -1.13 -22.07
N ALA D 23 -12.91 -1.79 -23.21
CA ALA D 23 -13.78 -2.96 -23.32
C ALA D 23 -13.35 -4.05 -22.35
N LYS D 24 -12.05 -4.31 -22.26
CA LYS D 24 -11.55 -5.29 -21.29
C LYS D 24 -11.80 -4.85 -19.86
N ALA D 25 -11.69 -3.54 -19.58
CA ALA D 25 -11.85 -3.06 -18.20
C ALA D 25 -13.30 -3.16 -17.74
N VAL D 26 -14.27 -2.84 -18.61
CA VAL D 26 -15.65 -2.86 -18.16
C VAL D 26 -16.18 -4.28 -18.03
N LEU D 27 -15.71 -5.19 -18.88
CA LEU D 27 -16.09 -6.60 -18.75
C LEU D 27 -15.46 -7.21 -17.50
N ALA D 28 -14.25 -6.79 -17.16
CA ALA D 28 -13.63 -7.27 -15.93
C ALA D 28 -14.34 -6.69 -14.70
N ALA D 29 -14.74 -5.42 -14.78
CA ALA D 29 -15.52 -4.82 -13.69
C ALA D 29 -16.88 -5.49 -13.55
N ARG D 30 -17.50 -5.86 -14.68
CA ARG D 30 -18.77 -6.57 -14.64
C ARG D 30 -18.63 -7.92 -13.92
N GLU D 31 -17.55 -8.65 -14.21
CA GLU D 31 -17.30 -9.93 -13.56
C GLU D 31 -17.14 -9.77 -12.06
N GLN D 32 -16.27 -8.85 -11.63
CA GLN D 32 -15.94 -8.74 -10.22
C GLN D 32 -17.11 -8.19 -9.42
N LEU D 33 -17.92 -7.31 -10.00
CA LEU D 33 -19.08 -6.77 -9.31
C LEU D 33 -20.29 -7.70 -9.38
N GLY D 34 -20.19 -8.82 -10.08
CA GLY D 34 -21.30 -9.76 -10.16
C GLY D 34 -22.48 -9.28 -10.97
N LEU D 35 -22.26 -8.41 -11.95
CA LEU D 35 -23.36 -7.91 -12.78
C LEU D 35 -23.65 -8.89 -13.91
N THR D 36 -24.94 -9.07 -14.21
CA THR D 36 -25.31 -9.89 -15.34
C THR D 36 -25.10 -9.12 -16.64
N GLN D 37 -25.23 -9.83 -17.76
CA GLN D 37 -25.07 -9.18 -19.06
C GLN D 37 -26.15 -8.13 -19.29
N LEU D 38 -27.32 -8.31 -18.69
CA LEU D 38 -28.41 -7.35 -18.86
C LEU D 38 -28.29 -6.18 -17.88
N GLU D 39 -27.77 -6.42 -16.67
CA GLU D 39 -27.53 -5.32 -15.75
C GLU D 39 -26.49 -4.36 -16.28
N LEU D 40 -25.40 -4.89 -16.83
CA LEU D 40 -24.41 -4.02 -17.48
C LEU D 40 -25.02 -3.29 -18.66
N ALA D 41 -25.84 -3.98 -19.45
CA ALA D 41 -26.44 -3.35 -20.62
C ALA D 41 -27.35 -2.20 -20.23
N GLY D 42 -28.04 -2.31 -19.10
CA GLY D 42 -28.91 -1.24 -18.64
C GLY D 42 -28.17 -0.07 -18.04
N ILE D 43 -26.92 -0.28 -17.61
CA ILE D 43 -26.12 0.80 -17.04
C ILE D 43 -25.45 1.63 -18.13
N VAL D 44 -24.90 0.97 -19.16
CA VAL D 44 -24.22 1.69 -20.23
C VAL D 44 -25.15 2.00 -21.41
N GLY D 45 -26.31 1.35 -21.49
CA GLY D 45 -27.29 1.70 -22.49
C GLY D 45 -27.15 1.03 -23.84
N VAL D 46 -26.65 -0.21 -23.90
CA VAL D 46 -26.59 -0.96 -25.14
C VAL D 46 -27.35 -2.26 -24.95
N ASP D 47 -27.40 -3.10 -25.98
CA ASP D 47 -27.98 -4.42 -25.86
C ASP D 47 -26.87 -5.45 -25.66
N ARG D 48 -27.27 -6.71 -25.43
CA ARG D 48 -26.30 -7.75 -25.17
C ARG D 48 -25.54 -8.20 -26.42
N SER D 49 -26.05 -7.89 -27.62
CA SER D 49 -25.28 -8.16 -28.83
C SER D 49 -24.08 -7.25 -28.94
N ALA D 50 -24.25 -5.97 -28.56
CA ALA D 50 -23.14 -5.03 -28.58
C ALA D 50 -22.13 -5.33 -27.47
N ILE D 51 -22.55 -5.99 -26.39
CA ILE D 51 -21.61 -6.33 -25.32
C ILE D 51 -20.62 -7.39 -25.80
N SER D 52 -21.13 -8.48 -26.38
CA SER D 52 -20.24 -9.48 -26.95
C SER D 52 -19.47 -8.94 -28.15
N ARG D 53 -20.01 -7.92 -28.82
CA ARG D 53 -19.30 -7.30 -29.94
C ARG D 53 -18.13 -6.45 -29.48
N TRP D 54 -18.01 -6.15 -28.18
CA TRP D 54 -16.89 -5.36 -27.70
C TRP D 54 -15.57 -6.11 -27.85
N LYS D 55 -15.58 -7.44 -27.72
CA LYS D 55 -14.36 -8.21 -27.80
C LYS D 55 -13.74 -8.19 -29.20
N THR D 56 -14.52 -7.87 -30.23
CA THR D 56 -14.00 -7.80 -31.58
C THR D 56 -13.59 -6.38 -31.97
N GLN D 57 -14.28 -5.38 -31.42
CA GLN D 57 -14.07 -3.99 -31.78
C GLN D 57 -13.52 -3.13 -30.64
N GLY D 58 -13.81 -3.47 -29.40
CA GLY D 58 -13.56 -2.56 -28.31
C GLY D 58 -14.75 -1.66 -28.09
N LEU D 59 -14.64 -0.83 -27.06
CA LEU D 59 -15.70 0.11 -26.73
C LEU D 59 -15.19 1.51 -27.05
N ARG D 60 -15.86 2.19 -27.99
CA ARG D 60 -15.49 3.53 -28.40
C ARG D 60 -15.46 4.48 -27.21
N VAL D 61 -14.27 4.94 -26.83
CA VAL D 61 -14.11 5.75 -25.63
C VAL D 61 -14.79 7.10 -25.80
N ASP D 62 -14.66 7.71 -26.99
CA ASP D 62 -15.21 9.03 -27.25
C ASP D 62 -16.72 9.03 -27.45
N SER D 63 -17.39 7.89 -27.28
CA SER D 63 -18.83 7.80 -27.42
C SER D 63 -19.52 7.99 -26.07
N LYS D 64 -20.83 8.24 -26.12
CA LYS D 64 -21.59 8.41 -24.90
C LYS D 64 -21.66 7.11 -24.10
N THR D 65 -21.68 5.98 -24.80
CA THR D 65 -21.57 4.69 -24.11
C THR D 65 -20.25 4.54 -23.39
N GLY D 66 -19.17 5.11 -23.95
CA GLY D 66 -17.88 5.03 -23.30
C GLY D 66 -17.85 5.74 -21.95
N GLU D 67 -18.47 6.94 -21.89
CA GLU D 67 -18.53 7.68 -20.63
C GLU D 67 -19.25 6.88 -19.56
N LEU D 68 -20.44 6.38 -19.86
CA LEU D 68 -21.16 5.56 -18.90
C LEU D 68 -20.33 4.36 -18.46
N ALA D 69 -19.56 3.78 -19.37
CA ALA D 69 -18.66 2.70 -19.00
C ALA D 69 -17.51 3.20 -18.15
N LEU D 70 -16.99 4.39 -18.48
CA LEU D 70 -15.94 4.99 -17.66
C LEU D 70 -16.46 5.31 -16.26
N LEU D 71 -17.68 5.85 -16.16
CA LEU D 71 -18.27 6.09 -14.85
C LEU D 71 -18.48 4.77 -14.09
N LEU D 72 -18.87 3.72 -14.81
CA LEU D 72 -19.05 2.43 -14.16
C LEU D 72 -17.72 1.89 -13.62
N VAL D 73 -16.62 2.06 -14.38
CA VAL D 73 -15.31 1.65 -13.89
C VAL D 73 -14.90 2.47 -12.67
N ARG D 74 -15.20 3.77 -12.68
CA ARG D 74 -14.89 4.62 -11.53
C ARG D 74 -15.70 4.20 -10.30
N VAL D 75 -16.91 3.68 -10.48
CA VAL D 75 -17.68 3.17 -9.35
C VAL D 75 -16.98 1.96 -8.74
N TYR D 76 -16.63 0.98 -9.58
CA TYR D 76 -15.84 -0.16 -9.11
C TYR D 76 -14.54 0.30 -8.47
N ARG D 77 -13.89 1.31 -9.05
CA ARG D 77 -12.61 1.79 -8.53
C ARG D 77 -12.75 2.36 -7.13
N ALA D 78 -13.76 3.20 -6.92
CA ALA D 78 -13.97 3.78 -5.59
C ALA D 78 -14.43 2.73 -4.58
N LEU D 79 -15.28 1.79 -5.02
CA LEU D 79 -15.72 0.73 -4.12
C LEU D 79 -14.57 -0.15 -3.68
N TYR D 80 -13.65 -0.46 -4.60
CA TYR D 80 -12.48 -1.25 -4.24
C TYR D 80 -11.66 -0.55 -3.16
N ALA D 81 -11.39 0.75 -3.36
CA ALA D 81 -10.57 1.49 -2.40
C ALA D 81 -11.29 1.63 -1.05
N LEU D 82 -12.61 1.83 -1.07
CA LEU D 82 -13.35 2.03 0.19
C LEU D 82 -13.49 0.73 0.98
N PHE D 83 -13.59 -0.41 0.28
CA PHE D 83 -13.79 -1.69 0.95
C PHE D 83 -12.55 -2.57 0.91
N GLY D 84 -11.38 -2.00 0.63
CA GLY D 84 -10.14 -2.74 0.65
C GLY D 84 -10.10 -3.94 -0.28
N GLY D 85 -10.79 -3.87 -1.42
CA GLY D 85 -10.80 -4.96 -2.37
C GLY D 85 -11.62 -6.17 -1.98
N GLN D 86 -12.32 -6.12 -0.85
CA GLN D 86 -13.13 -7.25 -0.42
C GLN D 86 -14.36 -7.35 -1.33
N GLN D 87 -14.33 -8.32 -2.25
CA GLN D 87 -15.27 -8.33 -3.36
C GLN D 87 -16.72 -8.43 -2.89
N GLU D 88 -17.00 -9.32 -1.94
CA GLU D 88 -18.40 -9.53 -1.58
C GLU D 88 -18.97 -8.36 -0.78
N ASP D 89 -18.12 -7.58 -0.12
CA ASP D 89 -18.59 -6.33 0.49
C ASP D 89 -18.87 -5.27 -0.57
N MET D 90 -18.09 -5.25 -1.65
CA MET D 90 -18.39 -4.37 -2.77
C MET D 90 -19.69 -4.78 -3.44
N ARG D 91 -19.88 -6.08 -3.67
CA ARG D 91 -21.13 -6.57 -4.22
C ARG D 91 -22.29 -6.28 -3.26
N HIS D 92 -22.05 -6.39 -1.96
CA HIS D 92 -23.11 -6.14 -0.99
C HIS D 92 -23.60 -4.69 -1.07
N PHE D 93 -22.67 -3.74 -1.19
CA PHE D 93 -23.05 -2.33 -1.24
C PHE D 93 -23.97 -2.05 -2.42
N LEU D 94 -23.69 -2.65 -3.58
CA LEU D 94 -24.46 -2.35 -4.78
C LEU D 94 -25.85 -2.95 -4.74
N ARG D 95 -26.02 -4.08 -4.05
CA ARG D 95 -27.28 -4.81 -4.03
C ARG D 95 -28.04 -4.66 -2.72
N THR D 96 -27.64 -3.73 -1.86
CA THR D 96 -28.33 -3.49 -0.60
C THR D 96 -28.91 -2.09 -0.59
N PRO D 97 -30.17 -1.92 -0.18
CA PRO D 97 -30.73 -0.57 -0.06
C PRO D 97 -29.89 0.30 0.84
N ASN D 98 -29.73 1.57 0.44
CA ASN D 98 -28.84 2.50 1.11
C ASN D 98 -29.63 3.67 1.68
N HIS D 99 -29.31 4.07 2.90
CA HIS D 99 -30.00 5.19 3.53
C HIS D 99 -29.61 6.51 2.87
N HIS D 100 -28.33 6.71 2.59
CA HIS D 100 -27.84 7.97 2.06
C HIS D 100 -28.20 8.15 0.59
N LEU D 101 -28.28 7.06 -0.15
CA LEU D 101 -28.72 7.11 -1.54
C LEU D 101 -30.22 6.90 -1.62
N ALA D 102 -30.77 7.09 -2.82
CA ALA D 102 -32.21 7.00 -3.00
C ALA D 102 -32.74 5.57 -2.84
N GLY D 103 -31.86 4.57 -2.85
CA GLY D 103 -32.28 3.18 -2.76
C GLY D 103 -31.14 2.23 -3.00
N GLU D 104 -31.40 1.14 -3.71
CA GLU D 104 -30.33 0.18 -4.04
C GLU D 104 -29.41 0.79 -5.09
N PRO D 105 -28.11 0.91 -4.83
CA PRO D 105 -27.22 1.58 -5.80
C PRO D 105 -27.26 0.97 -7.19
N LEU D 106 -27.24 -0.36 -7.29
CA LEU D 106 -27.28 -0.99 -8.62
C LEU D 106 -28.56 -0.64 -9.35
N ALA D 107 -29.68 -0.53 -8.64
CA ALA D 107 -30.92 -0.11 -9.29
C ALA D 107 -30.83 1.36 -9.71
N LEU D 108 -30.23 2.21 -8.88
CA LEU D 108 -30.03 3.60 -9.25
C LEU D 108 -29.12 3.73 -10.47
N MET D 109 -28.07 2.90 -10.54
CA MET D 109 -27.11 3.00 -11.64
C MET D 109 -27.71 2.59 -12.99
N GLY D 110 -28.88 1.93 -12.99
CA GLY D 110 -29.59 1.67 -14.21
C GLY D 110 -30.04 2.92 -14.95
N GLN D 111 -30.06 4.07 -14.27
CA GLN D 111 -30.37 5.35 -14.90
C GLN D 111 -29.17 6.27 -14.76
N VAL D 112 -29.02 7.18 -15.74
CA VAL D 112 -27.83 8.02 -15.79
C VAL D 112 -27.76 8.95 -14.59
N GLN D 113 -28.91 9.51 -14.18
CA GLN D 113 -28.91 10.40 -13.03
C GLN D 113 -28.61 9.64 -11.73
N GLY D 114 -29.06 8.39 -11.63
CA GLY D 114 -28.71 7.58 -10.49
C GLY D 114 -27.28 7.09 -10.50
N LEU D 115 -26.73 6.82 -11.69
CA LEU D 115 -25.33 6.40 -11.77
C LEU D 115 -24.39 7.50 -11.29
N VAL D 116 -24.66 8.73 -11.71
CA VAL D 116 -23.87 9.87 -11.24
C VAL D 116 -24.02 10.06 -9.74
N HIS D 117 -25.24 9.84 -9.21
CA HIS D 117 -25.45 9.99 -7.77
C HIS D 117 -24.65 8.96 -6.99
N VAL D 118 -24.65 7.70 -7.44
CA VAL D 118 -23.87 6.67 -6.75
C VAL D 118 -22.38 6.99 -6.82
N LEU D 119 -21.90 7.41 -8.00
CA LEU D 119 -20.49 7.71 -8.16
C LEU D 119 -20.08 8.94 -7.36
N GLU D 120 -20.91 9.98 -7.34
CA GLU D 120 -20.57 11.18 -6.59
C GLU D 120 -20.53 10.90 -5.09
N TYR D 121 -21.39 10.00 -4.61
CA TYR D 121 -21.37 9.60 -3.21
C TYR D 121 -20.07 8.85 -2.87
N LEU D 122 -19.66 7.92 -3.74
CA LEU D 122 -18.45 7.15 -3.46
C LEU D 122 -17.20 8.01 -3.54
N ASP D 123 -17.18 8.99 -4.45
CA ASP D 123 -16.03 9.89 -4.53
C ASP D 123 -15.95 10.80 -3.31
N ALA D 124 -17.09 11.33 -2.86
CA ALA D 124 -17.09 12.30 -1.76
C ALA D 124 -16.76 11.64 -0.43
N ILE D 125 -17.26 10.42 -0.19
CA ILE D 125 -16.99 9.73 1.07
C ILE D 125 -15.57 9.19 1.13
N ARG D 126 -14.80 9.29 0.05
CA ARG D 126 -13.38 8.97 0.13
C ARG D 126 -12.64 10.12 0.79
N GLY D 127 -11.75 9.81 1.74
CA GLY D 127 -10.88 10.81 2.31
C GLY D 127 -10.03 11.53 1.27
N LYS D 128 -9.86 10.92 0.09
CA LYS D 128 -9.21 11.60 -1.02
C LYS D 128 -10.00 12.82 -1.48
N VAL D 129 -11.32 12.79 -1.28
CA VAL D 129 -12.23 13.84 -1.75
C VAL D 129 -12.01 14.03 -3.25
N GLU E 14 -49.63 12.01 -35.16
CA GLU E 14 -50.73 12.94 -35.30
C GLU E 14 -51.50 13.11 -33.99
N ARG E 15 -51.49 12.07 -33.18
CA ARG E 15 -51.99 12.12 -31.81
C ARG E 15 -50.85 11.82 -30.84
N PRO E 16 -50.86 12.43 -29.65
CA PRO E 16 -49.63 12.50 -28.85
C PRO E 16 -49.08 11.14 -28.45
N SER E 17 -47.76 11.08 -28.35
CA SER E 17 -47.02 9.94 -27.83
C SER E 17 -45.92 10.46 -26.91
N ALA E 18 -45.45 9.58 -26.01
CA ALA E 18 -44.43 9.99 -25.05
C ALA E 18 -43.11 10.36 -25.74
N ASP E 19 -42.77 9.69 -26.84
CA ASP E 19 -41.54 10.00 -27.55
C ASP E 19 -41.62 11.31 -28.34
N ALA E 20 -42.82 11.66 -28.82
CA ALA E 20 -42.98 12.88 -29.61
C ALA E 20 -42.89 14.15 -28.77
N VAL E 21 -43.46 14.13 -27.56
CA VAL E 21 -43.43 15.32 -26.72
C VAL E 21 -42.02 15.59 -26.22
N LEU E 22 -41.30 14.54 -25.83
CA LEU E 22 -39.91 14.72 -25.40
C LEU E 22 -39.06 15.30 -26.53
N ALA E 23 -39.33 14.87 -27.77
CA ALA E 23 -38.58 15.39 -28.91
C ALA E 23 -38.71 16.91 -29.02
N LYS E 24 -39.95 17.42 -29.07
CA LYS E 24 -40.17 18.85 -29.20
C LYS E 24 -39.54 19.61 -28.03
N ALA E 25 -39.60 19.04 -26.83
CA ALA E 25 -38.98 19.68 -25.68
C ALA E 25 -37.48 19.84 -25.89
N VAL E 26 -36.84 18.86 -26.52
CA VAL E 26 -35.41 18.96 -26.80
C VAL E 26 -35.15 19.90 -27.96
N LEU E 27 -35.94 19.81 -29.02
CA LEU E 27 -35.78 20.73 -30.15
C LEU E 27 -36.04 22.17 -29.73
N ALA E 28 -37.06 22.41 -28.92
CA ALA E 28 -37.36 23.77 -28.49
C ALA E 28 -36.27 24.31 -27.57
N ALA E 29 -35.74 23.46 -26.68
CA ALA E 29 -34.64 23.90 -25.82
C ALA E 29 -33.39 24.23 -26.62
N ARG E 30 -33.16 23.52 -27.73
CA ARG E 30 -32.00 23.81 -28.57
C ARG E 30 -32.15 25.16 -29.26
N GLU E 31 -33.35 25.46 -29.75
CA GLU E 31 -33.60 26.76 -30.37
C GLU E 31 -33.50 27.89 -29.35
N GLN E 32 -34.03 27.66 -28.14
CA GLN E 32 -34.08 28.72 -27.14
C GLN E 32 -32.67 29.03 -26.61
N LEU E 33 -31.87 28.00 -26.35
CA LEU E 33 -30.53 28.20 -25.82
C LEU E 33 -29.48 28.50 -26.89
N GLY E 34 -29.87 28.50 -28.17
CA GLY E 34 -28.91 28.78 -29.23
C GLY E 34 -27.84 27.73 -29.40
N LEU E 35 -28.14 26.48 -29.10
CA LEU E 35 -27.18 25.40 -29.25
C LEU E 35 -27.06 25.00 -30.71
N THR E 36 -25.83 24.67 -31.13
CA THR E 36 -25.62 24.14 -32.46
C THR E 36 -26.01 22.66 -32.50
N GLN E 37 -26.08 22.12 -33.71
CA GLN E 37 -26.45 20.71 -33.84
C GLN E 37 -25.35 19.80 -33.30
N LEU E 38 -24.10 20.26 -33.32
CA LEU E 38 -23.02 19.46 -32.76
C LEU E 38 -22.95 19.57 -31.24
N GLU E 39 -23.25 20.74 -30.69
CA GLU E 39 -23.28 20.87 -29.23
C GLU E 39 -24.39 20.02 -28.63
N LEU E 40 -25.57 20.02 -29.24
CA LEU E 40 -26.67 19.19 -28.76
C LEU E 40 -26.33 17.71 -28.89
N ALA E 41 -25.64 17.34 -29.97
CA ALA E 41 -25.29 15.94 -30.19
C ALA E 41 -24.32 15.42 -29.14
N GLY E 42 -23.36 16.25 -28.73
CA GLY E 42 -22.43 15.87 -27.69
C GLY E 42 -23.01 15.80 -26.29
N ILE E 43 -24.14 16.44 -26.04
CA ILE E 43 -24.73 16.43 -24.71
C ILE E 43 -25.58 15.19 -24.49
N VAL E 44 -26.42 14.85 -25.47
CA VAL E 44 -27.32 13.70 -25.33
C VAL E 44 -26.76 12.43 -25.94
N GLY E 45 -25.66 12.50 -26.68
CA GLY E 45 -24.96 11.31 -27.12
C GLY E 45 -25.51 10.61 -28.34
N VAL E 46 -25.90 11.37 -29.36
CA VAL E 46 -26.31 10.79 -30.64
C VAL E 46 -25.58 11.53 -31.76
N ASP E 47 -25.74 11.02 -32.97
CA ASP E 47 -25.20 11.67 -34.15
C ASP E 47 -26.18 12.72 -34.67
N ARG E 48 -25.66 13.60 -35.53
CA ARG E 48 -26.47 14.70 -36.04
C ARG E 48 -27.59 14.23 -36.94
N SER E 49 -27.48 13.05 -37.56
CA SER E 49 -28.58 12.54 -38.37
C SER E 49 -29.78 12.15 -37.50
N ALA E 50 -29.54 11.69 -36.27
CA ALA E 50 -30.64 11.30 -35.40
C ALA E 50 -31.40 12.50 -34.88
N ILE E 51 -30.79 13.69 -34.87
CA ILE E 51 -31.49 14.90 -34.44
C ILE E 51 -32.68 15.19 -35.35
N SER E 52 -32.44 15.16 -36.66
CA SER E 52 -33.51 15.42 -37.62
C SER E 52 -34.58 14.33 -37.61
N ARG E 53 -34.23 13.11 -37.21
CA ARG E 53 -35.22 12.04 -37.15
C ARG E 53 -36.14 12.15 -35.95
N TRP E 54 -35.87 13.07 -35.02
CA TRP E 54 -36.77 13.25 -33.88
C TRP E 54 -38.07 13.95 -34.31
N LYS E 55 -37.98 14.85 -35.30
CA LYS E 55 -39.16 15.57 -35.73
C LYS E 55 -40.09 14.69 -36.56
N THR E 56 -39.54 13.75 -37.32
CA THR E 56 -40.37 12.82 -38.09
C THR E 56 -40.87 11.65 -37.26
N GLN E 57 -40.21 11.36 -36.14
CA GLN E 57 -40.65 10.27 -35.26
C GLN E 57 -40.74 10.75 -33.83
N GLY E 58 -39.61 10.73 -33.13
CA GLY E 58 -39.57 11.13 -31.74
C GLY E 58 -38.31 10.61 -31.09
N LEU E 59 -38.18 10.90 -29.80
CA LEU E 59 -37.03 10.49 -29.01
C LEU E 59 -37.47 9.48 -27.96
N ARG E 60 -36.91 8.28 -28.02
CA ARG E 60 -37.28 7.22 -27.09
C ARG E 60 -37.00 7.64 -25.65
N VAL E 61 -38.07 7.74 -24.86
CA VAL E 61 -37.93 8.20 -23.47
C VAL E 61 -37.14 7.20 -22.64
N ASP E 62 -37.39 5.90 -22.86
CA ASP E 62 -36.70 4.84 -22.11
C ASP E 62 -35.41 4.43 -22.82
N SER E 63 -34.55 5.42 -23.01
CA SER E 63 -33.23 5.22 -23.59
C SER E 63 -32.26 6.18 -22.90
N LYS E 64 -30.96 5.88 -23.01
CA LYS E 64 -29.96 6.76 -22.43
C LYS E 64 -30.00 8.14 -23.07
N THR E 65 -30.26 8.20 -24.38
CA THR E 65 -30.41 9.49 -25.04
C THR E 65 -31.61 10.25 -24.49
N GLY E 66 -32.73 9.55 -24.28
CA GLY E 66 -33.89 10.18 -23.67
C GLY E 66 -33.63 10.64 -22.25
N GLU E 67 -32.85 9.87 -21.49
CA GLU E 67 -32.49 10.29 -20.13
C GLU E 67 -31.64 11.56 -20.15
N LEU E 68 -30.60 11.59 -20.98
CA LEU E 68 -29.79 12.79 -21.09
C LEU E 68 -30.61 13.96 -21.63
N ALA E 69 -31.51 13.67 -22.57
CA ALA E 69 -32.35 14.73 -23.12
C ALA E 69 -33.27 15.33 -22.07
N LEU E 70 -33.84 14.47 -21.20
CA LEU E 70 -34.68 14.97 -20.13
C LEU E 70 -33.89 15.86 -19.18
N LEU E 71 -32.64 15.50 -18.88
CA LEU E 71 -31.82 16.31 -17.99
C LEU E 71 -31.46 17.64 -18.64
N LEU E 72 -31.10 17.62 -19.92
CA LEU E 72 -30.82 18.87 -20.63
C LEU E 72 -32.05 19.76 -20.67
N VAL E 73 -33.21 19.16 -20.89
CA VAL E 73 -34.46 19.93 -20.91
C VAL E 73 -34.75 20.50 -19.52
N ARG E 74 -34.40 19.75 -18.46
CA ARG E 74 -34.53 20.30 -17.11
C ARG E 74 -33.56 21.45 -16.87
N VAL E 75 -32.40 21.44 -17.55
CA VAL E 75 -31.47 22.55 -17.43
C VAL E 75 -32.05 23.80 -18.08
N TYR E 76 -32.67 23.66 -19.25
CA TYR E 76 -33.38 24.77 -19.86
C TYR E 76 -34.50 25.26 -18.96
N ARG E 77 -35.15 24.35 -18.22
CA ARG E 77 -36.16 24.75 -17.25
C ARG E 77 -35.55 25.61 -16.15
N ALA E 78 -34.50 25.11 -15.50
CA ALA E 78 -33.86 25.87 -14.43
C ALA E 78 -33.32 27.20 -14.93
N LEU E 79 -32.86 27.24 -16.19
CA LEU E 79 -32.43 28.50 -16.77
C LEU E 79 -33.61 29.43 -17.01
N TYR E 80 -34.74 28.88 -17.45
CA TYR E 80 -35.93 29.70 -17.69
C TYR E 80 -36.48 30.28 -16.39
N ALA E 81 -36.51 29.48 -15.32
CA ALA E 81 -37.01 29.97 -14.04
C ALA E 81 -36.00 30.89 -13.35
N LEU E 82 -34.71 30.66 -13.55
CA LEU E 82 -33.69 31.50 -12.93
C LEU E 82 -33.57 32.87 -13.60
N PHE E 83 -33.72 32.91 -14.93
CA PHE E 83 -33.62 34.16 -15.67
C PHE E 83 -34.97 34.70 -16.10
N GLY E 84 -36.06 34.16 -15.56
CA GLY E 84 -37.39 34.66 -15.85
C GLY E 84 -37.80 34.61 -17.30
N GLY E 85 -37.16 33.74 -18.10
CA GLY E 85 -37.45 33.66 -19.50
C GLY E 85 -36.65 34.58 -20.39
N GLN E 86 -35.77 35.40 -19.83
CA GLN E 86 -34.93 36.28 -20.64
C GLN E 86 -33.91 35.44 -21.39
N GLN E 87 -34.09 35.34 -22.72
CA GLN E 87 -33.34 34.36 -23.50
C GLN E 87 -31.85 34.66 -23.53
N GLU E 88 -31.47 35.93 -23.60
CA GLU E 88 -30.06 36.26 -23.81
C GLU E 88 -29.21 35.90 -22.60
N ASP E 89 -29.76 36.09 -21.39
CA ASP E 89 -29.00 35.78 -20.19
C ASP E 89 -28.91 34.28 -19.95
N MET E 90 -29.89 33.51 -20.43
CA MET E 90 -29.76 32.06 -20.42
C MET E 90 -28.64 31.60 -21.35
N ARG E 91 -28.55 32.21 -22.53
CA ARG E 91 -27.45 31.89 -23.44
C ARG E 91 -26.13 32.40 -22.91
N HIS E 92 -26.14 33.60 -22.32
CA HIS E 92 -24.90 34.17 -21.79
C HIS E 92 -24.36 33.35 -20.63
N PHE E 93 -25.26 32.81 -19.79
CA PHE E 93 -24.83 31.97 -18.68
C PHE E 93 -24.16 30.70 -19.20
N LEU E 94 -24.68 30.12 -20.28
CA LEU E 94 -24.17 28.85 -20.78
C LEU E 94 -22.76 29.00 -21.35
N ARG E 95 -22.43 30.15 -21.94
CA ARG E 95 -21.18 30.30 -22.68
C ARG E 95 -20.20 31.23 -21.99
N THR E 96 -20.38 31.49 -20.70
CA THR E 96 -19.47 32.34 -19.94
C THR E 96 -18.78 31.50 -18.87
N PRO E 97 -17.46 31.60 -18.71
CA PRO E 97 -16.79 30.85 -17.64
C PRO E 97 -17.34 31.25 -16.28
N ASN E 98 -17.57 30.26 -15.43
CA ASN E 98 -18.26 30.43 -14.16
C ASN E 98 -17.32 30.21 -12.99
N HIS E 99 -17.48 31.01 -11.94
CA HIS E 99 -16.68 30.84 -10.72
C HIS E 99 -17.06 29.54 -10.00
N HIS E 100 -18.34 29.40 -9.66
CA HIS E 100 -18.79 28.30 -8.81
C HIS E 100 -18.79 26.96 -9.53
N LEU E 101 -18.72 26.97 -10.86
CA LEU E 101 -18.51 25.75 -11.64
C LEU E 101 -17.05 25.62 -12.01
N ALA E 102 -16.63 24.40 -12.33
CA ALA E 102 -15.24 24.16 -12.68
C ALA E 102 -14.89 24.67 -14.08
N GLY E 103 -15.85 25.22 -14.82
CA GLY E 103 -15.57 25.75 -16.14
C GLY E 103 -16.79 26.37 -16.80
N GLU E 104 -16.83 26.35 -18.12
CA GLU E 104 -17.98 26.93 -18.81
C GLU E 104 -19.14 25.96 -18.77
N PRO E 105 -20.36 26.43 -18.44
CA PRO E 105 -21.47 25.48 -18.25
C PRO E 105 -21.81 24.65 -19.47
N LEU E 106 -21.82 25.25 -20.67
CA LEU E 106 -22.13 24.48 -21.86
C LEU E 106 -21.06 23.44 -22.16
N ALA E 107 -19.79 23.78 -21.88
CA ALA E 107 -18.73 22.81 -22.03
C ALA E 107 -18.86 21.68 -21.02
N LEU E 108 -19.29 22.00 -19.79
CA LEU E 108 -19.51 20.97 -18.79
C LEU E 108 -20.64 20.03 -19.19
N MET E 109 -21.68 20.57 -19.84
CA MET E 109 -22.82 19.75 -20.23
C MET E 109 -22.48 18.74 -21.33
N GLY E 110 -21.33 18.88 -21.98
CA GLY E 110 -20.89 17.89 -22.95
C GLY E 110 -20.55 16.55 -22.33
N GLN E 111 -20.27 16.53 -21.03
CA GLN E 111 -19.98 15.30 -20.31
C GLN E 111 -21.15 14.96 -19.38
N VAL E 112 -21.21 13.69 -18.99
CA VAL E 112 -22.36 13.21 -18.22
C VAL E 112 -22.38 13.81 -16.83
N GLN E 113 -21.26 13.74 -16.11
CA GLN E 113 -21.23 14.25 -14.74
C GLN E 113 -21.37 15.77 -14.71
N GLY E 114 -20.93 16.45 -15.77
CA GLY E 114 -21.06 17.89 -15.87
C GLY E 114 -22.48 18.34 -16.12
N LEU E 115 -23.22 17.60 -16.96
CA LEU E 115 -24.62 17.90 -17.19
C LEU E 115 -25.42 17.80 -15.89
N VAL E 116 -25.18 16.75 -15.11
CA VAL E 116 -25.82 16.64 -13.81
C VAL E 116 -25.34 17.75 -12.88
N HIS E 117 -24.06 18.11 -12.98
CA HIS E 117 -23.50 19.14 -12.10
C HIS E 117 -24.12 20.50 -12.38
N VAL E 118 -24.32 20.84 -13.66
CA VAL E 118 -24.92 22.12 -14.00
C VAL E 118 -26.38 22.17 -13.52
N LEU E 119 -27.10 21.06 -13.67
CA LEU E 119 -28.49 21.01 -13.23
C LEU E 119 -28.61 21.14 -11.72
N GLU E 120 -27.73 20.46 -10.97
CA GLU E 120 -27.76 20.57 -9.51
C GLU E 120 -27.41 21.99 -9.06
N TYR E 121 -26.49 22.66 -9.76
CA TYR E 121 -26.14 24.04 -9.41
C TYR E 121 -27.30 24.99 -9.68
N LEU E 122 -27.96 24.83 -10.82
CA LEU E 122 -29.09 25.71 -11.16
C LEU E 122 -30.28 25.46 -10.25
N ASP E 123 -30.50 24.20 -9.87
CA ASP E 123 -31.64 23.88 -9.01
C ASP E 123 -31.47 24.45 -7.60
N ALA E 124 -30.23 24.56 -7.12
CA ALA E 124 -30.01 25.04 -5.76
C ALA E 124 -30.17 26.55 -5.66
N ILE E 125 -29.80 27.28 -6.73
CA ILE E 125 -29.86 28.75 -6.73
C ILE E 125 -31.17 29.28 -7.31
N ARG E 126 -32.14 28.40 -7.61
CA ARG E 126 -33.44 28.85 -8.10
C ARG E 126 -34.51 28.66 -7.05
N PRO F 14 -28.49 34.56 4.33
CA PRO F 14 -27.12 34.95 4.72
C PRO F 14 -26.79 34.60 6.17
N SER F 15 -25.50 34.55 6.49
CA SER F 15 -25.06 34.19 7.84
C SER F 15 -25.13 35.39 8.77
N GLU F 16 -25.98 35.30 9.79
CA GLU F 16 -26.03 36.33 10.82
C GLU F 16 -25.02 36.08 11.94
N ILE F 17 -24.50 34.86 12.05
CA ILE F 17 -23.39 34.62 12.97
C ILE F 17 -22.13 35.33 12.47
N TRP F 18 -21.93 35.36 11.15
CA TRP F 18 -20.88 36.18 10.58
C TRP F 18 -21.13 37.66 10.76
N ARG F 19 -22.38 38.05 11.01
CA ARG F 19 -22.75 39.45 11.21
C ARG F 19 -22.59 39.88 12.66
N GLN F 20 -23.00 39.03 13.60
CA GLN F 20 -22.83 39.36 15.01
C GLN F 20 -21.35 39.50 15.36
N CYS F 21 -20.53 38.58 14.87
CA CYS F 21 -19.09 38.66 15.09
C CYS F 21 -18.41 39.73 14.25
N LYS F 22 -19.03 40.17 13.16
CA LYS F 22 -18.41 41.12 12.23
C LYS F 22 -17.02 40.63 11.81
N GLY F 23 -16.97 39.36 11.41
CA GLY F 23 -15.75 38.66 11.05
C GLY F 23 -14.91 39.33 9.97
N GLU F 24 -15.49 40.22 9.17
CA GLU F 24 -14.70 40.92 8.17
C GLU F 24 -13.56 41.71 8.81
N ARG F 25 -13.73 42.12 10.08
CA ARG F 25 -12.66 42.78 10.82
C ARG F 25 -11.63 41.79 11.37
N HIS F 26 -12.00 40.52 11.50
CA HIS F 26 -11.14 39.50 12.07
C HIS F 26 -10.37 38.72 11.01
N ILE F 27 -10.50 39.09 9.75
CA ILE F 27 -9.74 38.44 8.68
C ILE F 27 -8.28 38.89 8.79
N ARG F 28 -7.41 37.95 9.12
CA ARG F 28 -6.01 38.23 9.41
C ARG F 28 -5.15 37.13 8.81
N PRO F 29 -3.87 37.42 8.53
CA PRO F 29 -2.98 36.38 8.00
C PRO F 29 -2.74 35.28 9.02
N LEU F 30 -2.51 34.08 8.50
CA LEU F 30 -2.32 32.91 9.35
C LEU F 30 -1.57 31.84 8.59
N GLN F 31 -0.67 31.15 9.29
CA GLN F 31 0.10 30.04 8.76
C GLN F 31 -0.25 28.78 9.56
N GLY F 32 0.38 27.67 9.22
CA GLY F 32 0.23 26.45 9.98
C GLY F 32 0.46 25.22 9.11
N ARG F 33 0.39 24.07 9.76
CA ARG F 33 0.52 22.78 9.10
C ARG F 33 -0.82 22.05 9.14
N LEU F 34 -0.98 21.09 8.22
CA LEU F 34 -2.17 20.27 8.18
C LEU F 34 -1.77 18.83 7.93
N VAL F 35 -2.60 17.91 8.43
CA VAL F 35 -2.40 16.49 8.21
C VAL F 35 -3.74 15.91 7.75
N ARG F 36 -3.67 14.96 6.83
CA ARG F 36 -4.87 14.50 6.14
C ARG F 36 -4.74 13.03 5.84
N LEU F 37 -5.81 12.27 6.08
CA LEU F 37 -5.82 10.83 5.85
C LEU F 37 -6.68 10.54 4.63
N VAL F 38 -6.10 9.85 3.65
CA VAL F 38 -6.77 9.57 2.39
C VAL F 38 -6.64 8.08 2.10
N GLU F 39 -7.46 7.61 1.15
CA GLU F 39 -7.40 6.22 0.73
C GLU F 39 -6.36 6.03 -0.35
N SER F 40 -5.81 4.82 -0.41
CA SER F 40 -5.00 4.35 -1.52
C SER F 40 -5.78 3.24 -2.23
N GLN F 41 -5.07 2.34 -2.91
CA GLN F 41 -5.64 1.17 -3.58
C GLN F 41 -6.51 1.53 -4.79
N GLU F 42 -6.69 2.81 -5.10
CA GLU F 42 -7.40 3.16 -6.34
C GLU F 42 -6.66 2.66 -7.57
N GLN F 43 -5.33 2.83 -7.60
CA GLN F 43 -4.56 2.33 -8.74
C GLN F 43 -4.46 0.82 -8.72
N VAL F 44 -4.39 0.22 -7.53
CA VAL F 44 -4.44 -1.24 -7.44
C VAL F 44 -5.75 -1.76 -7.99
N ALA F 45 -6.85 -1.03 -7.77
CA ALA F 45 -8.15 -1.46 -8.25
C ALA F 45 -8.16 -1.63 -9.77
N THR F 46 -7.72 -0.60 -10.49
CA THR F 46 -7.75 -0.69 -11.95
C THR F 46 -6.73 -1.67 -12.50
N LEU F 47 -5.66 -1.95 -11.75
CA LEU F 47 -4.70 -2.96 -12.19
C LEU F 47 -5.32 -4.35 -12.22
N GLN F 48 -6.36 -4.60 -11.40
CA GLN F 48 -7.07 -5.87 -11.45
C GLN F 48 -7.91 -6.03 -12.71
N LEU F 49 -8.28 -4.92 -13.37
CA LEU F 49 -9.13 -4.97 -14.55
C LEU F 49 -8.38 -5.24 -15.85
N VAL F 50 -7.08 -4.95 -15.90
CA VAL F 50 -6.31 -5.09 -17.13
C VAL F 50 -5.16 -6.07 -16.90
N ASP F 51 -4.30 -6.22 -17.91
CA ASP F 51 -3.24 -7.22 -17.86
C ASP F 51 -1.85 -6.65 -17.66
N THR F 52 -1.58 -5.42 -18.09
CA THR F 52 -0.26 -4.84 -17.96
C THR F 52 -0.35 -3.48 -17.28
N LEU F 53 0.78 -3.02 -16.74
CA LEU F 53 0.84 -1.67 -16.20
C LEU F 53 0.66 -0.64 -17.31
N GLU F 54 1.12 -0.95 -18.53
CA GLU F 54 0.93 -0.05 -19.65
C GLU F 54 -0.55 0.12 -19.97
N GLU F 55 -1.32 -0.97 -19.92
CA GLU F 55 -2.76 -0.85 -20.11
C GLU F 55 -3.42 -0.12 -18.95
N GLN F 56 -2.93 -0.35 -17.72
CA GLN F 56 -3.51 0.32 -16.55
C GLN F 56 -3.27 1.82 -16.61
N ALA F 57 -2.10 2.25 -17.10
CA ALA F 57 -1.84 3.69 -17.20
C ALA F 57 -2.72 4.34 -18.24
N LEU F 58 -3.02 3.64 -19.34
CA LEU F 58 -3.95 4.16 -20.33
C LEU F 58 -5.38 4.18 -19.80
N LEU F 59 -5.78 3.14 -19.07
CA LEU F 59 -7.10 3.13 -18.45
C LEU F 59 -7.27 4.30 -17.48
N GLU F 60 -6.25 4.55 -16.64
CA GLU F 60 -6.32 5.67 -15.72
C GLU F 60 -6.40 7.01 -16.46
N GLU F 61 -5.81 7.10 -17.66
CA GLU F 61 -5.98 8.31 -18.47
C GLU F 61 -7.40 8.42 -19.01
N LEU F 62 -8.01 7.29 -19.40
CA LEU F 62 -9.40 7.35 -19.86
C LEU F 62 -10.33 7.75 -18.73
N LEU F 63 -10.11 7.20 -17.52
CA LEU F 63 -10.95 7.54 -16.38
C LEU F 63 -10.81 9.01 -16.00
N GLU F 64 -9.62 9.60 -16.22
CA GLU F 64 -9.42 11.01 -15.91
C GLU F 64 -10.30 11.91 -16.77
N SER F 65 -10.54 11.53 -18.04
CA SER F 65 -11.33 12.36 -18.94
C SER F 65 -12.80 12.44 -18.53
N SER F 66 -13.29 11.52 -17.72
CA SER F 66 -14.68 11.55 -17.28
C SER F 66 -14.85 12.23 -15.92
N LYS F 67 -13.77 12.59 -15.25
CA LYS F 67 -13.84 13.22 -13.95
C LYS F 67 -14.22 14.69 -14.09
N PRO F 68 -14.78 15.29 -13.04
CA PRO F 68 -14.99 16.73 -13.05
C PRO F 68 -13.67 17.46 -13.20
N PRO F 69 -13.63 18.52 -14.01
CA PRO F 69 -12.36 19.19 -14.28
C PRO F 69 -11.78 19.87 -13.05
N VAL F 70 -10.46 19.88 -12.98
CA VAL F 70 -9.75 20.51 -11.87
C VAL F 70 -9.83 22.02 -12.03
N PRO F 71 -10.07 22.80 -10.96
CA PRO F 71 -9.95 24.26 -11.07
C PRO F 71 -8.57 24.66 -11.56
N ALA F 72 -8.54 25.72 -12.37
CA ALA F 72 -7.32 26.07 -13.09
C ALA F 72 -6.17 26.37 -12.13
N ASP F 73 -6.46 26.99 -10.99
CA ASP F 73 -5.41 27.31 -10.04
C ASP F 73 -4.88 26.10 -9.29
N ALA F 74 -5.63 25.00 -9.26
CA ALA F 74 -5.17 23.77 -8.64
C ALA F 74 -4.43 22.86 -9.62
N GLU F 75 -4.38 23.22 -10.90
CA GLU F 75 -3.73 22.37 -11.89
C GLU F 75 -2.25 22.13 -11.61
N PRO F 76 -1.43 23.15 -11.28
CA PRO F 76 0.00 22.88 -11.07
C PRO F 76 0.32 22.17 -9.76
N LEU F 77 -0.68 21.83 -8.95
CA LEU F 77 -0.42 21.21 -7.66
C LEU F 77 -0.22 19.71 -7.82
N HIS F 78 0.28 19.09 -6.74
CA HIS F 78 0.39 17.64 -6.67
C HIS F 78 -0.98 17.00 -6.72
N TYR F 79 -1.01 15.73 -7.16
CA TYR F 79 -2.28 15.00 -7.27
C TYR F 79 -3.03 14.98 -5.94
N LEU F 80 -2.33 14.76 -4.82
CA LEU F 80 -3.00 14.68 -3.54
C LEU F 80 -3.51 16.04 -3.06
N LEU F 81 -2.95 17.13 -3.58
CA LEU F 81 -3.38 18.46 -3.19
C LEU F 81 -4.48 19.01 -4.07
N LYS F 82 -4.52 18.65 -5.35
CA LYS F 82 -5.51 19.18 -6.27
C LYS F 82 -6.83 18.41 -6.24
N THR F 83 -6.77 17.11 -5.94
CA THR F 83 -7.96 16.26 -6.07
C THR F 83 -9.14 16.72 -5.21
N PRO F 84 -8.98 17.12 -3.94
CA PRO F 84 -10.15 17.54 -3.17
C PRO F 84 -10.90 18.72 -3.76
N PHE F 85 -10.22 19.58 -4.52
CA PHE F 85 -10.89 20.74 -5.12
C PHE F 85 -11.77 20.40 -6.31
N ARG F 86 -11.69 19.18 -6.85
CA ARG F 86 -12.42 18.86 -8.08
C ARG F 86 -13.72 18.09 -7.84
N TYR F 87 -13.86 17.42 -6.70
CA TYR F 87 -15.09 16.64 -6.59
C TYR F 87 -16.11 17.36 -5.72
N PRO F 88 -17.39 17.29 -6.07
CA PRO F 88 -18.41 17.87 -5.21
C PRO F 88 -18.52 17.11 -3.91
N PRO F 89 -18.97 17.75 -2.83
CA PRO F 89 -19.10 17.04 -1.55
C PRO F 89 -20.30 16.10 -1.55
N LEU F 90 -20.58 15.50 -0.40
CA LEU F 90 -21.81 14.73 -0.24
C LEU F 90 -23.01 15.63 -0.50
N ARG F 91 -24.10 15.04 -0.97
CA ARG F 91 -25.21 15.84 -1.46
C ARG F 91 -25.93 16.63 -0.38
N TRP F 92 -25.70 16.32 0.90
CA TRP F 92 -26.13 17.20 1.98
C TRP F 92 -25.06 18.21 2.35
N GLY F 93 -24.03 18.34 1.52
CA GLY F 93 -22.99 19.33 1.71
C GLY F 93 -22.03 18.96 2.83
N SER F 94 -20.88 19.64 2.82
CA SER F 94 -19.93 19.54 3.91
C SER F 94 -20.34 20.51 5.01
N ARG F 95 -19.53 20.59 6.06
CA ARG F 95 -19.89 21.43 7.19
C ARG F 95 -19.94 22.90 6.81
N PHE F 96 -19.02 23.35 5.96
CA PHE F 96 -18.94 24.75 5.58
C PHE F 96 -19.14 24.97 4.09
N GLY F 97 -19.57 23.95 3.36
CA GLY F 97 -19.76 24.07 1.92
C GLY F 97 -20.94 23.22 1.49
N ARG F 98 -21.65 23.73 0.49
CA ARG F 98 -22.85 23.07 0.02
C ARG F 98 -22.63 22.51 -1.38
N ARG F 99 -23.57 21.65 -1.80
CA ARG F 99 -23.40 20.86 -3.01
C ARG F 99 -23.16 21.73 -4.24
N HIS F 100 -23.74 22.92 -4.29
CA HIS F 100 -23.62 23.79 -5.45
C HIS F 100 -22.41 24.72 -5.39
N GLU F 101 -21.61 24.66 -4.33
CA GLU F 101 -20.46 25.52 -4.18
C GLU F 101 -19.17 24.75 -4.45
N PRO F 102 -18.09 25.45 -4.81
CA PRO F 102 -16.81 24.75 -5.00
C PRO F 102 -16.38 24.03 -3.73
N SER F 103 -15.80 22.85 -3.92
CA SER F 103 -15.40 22.02 -2.80
C SER F 103 -14.28 22.68 -1.99
N LEU F 104 -14.21 22.34 -0.70
CA LEU F 104 -13.17 22.83 0.18
C LEU F 104 -12.16 21.73 0.47
N PHE F 105 -10.94 22.15 0.80
CA PHE F 105 -9.88 21.24 1.21
C PHE F 105 -9.97 21.11 2.73
N TYR F 106 -10.51 20.00 3.21
CA TYR F 106 -10.65 19.78 4.64
C TYR F 106 -9.49 18.93 5.15
N ALA F 107 -8.91 19.38 6.26
CA ALA F 107 -7.82 18.64 6.91
C ALA F 107 -7.82 19.01 8.39
N ALA F 108 -6.99 18.31 9.15
CA ALA F 108 -6.87 18.52 10.58
C ALA F 108 -5.52 19.14 10.91
N LEU F 109 -5.42 19.70 12.12
CA LEU F 109 -4.16 20.28 12.58
C LEU F 109 -3.23 19.23 13.17
N LYS F 110 -3.78 18.17 13.76
CA LYS F 110 -3.01 17.09 14.34
C LYS F 110 -3.49 15.75 13.81
N LEU F 111 -2.58 14.77 13.81
CA LEU F 111 -2.87 13.47 13.23
C LEU F 111 -4.02 12.79 13.95
N GLU F 112 -4.09 12.92 15.29
CA GLU F 112 -5.16 12.27 16.03
C GLU F 112 -6.52 12.80 15.62
N THR F 113 -6.61 14.08 15.26
CA THR F 113 -7.88 14.64 14.80
C THR F 113 -8.22 14.15 13.40
N ALA F 114 -7.22 14.00 12.54
CA ALA F 114 -7.47 13.48 11.20
C ALA F 114 -7.96 12.04 11.25
N MET F 115 -7.45 11.23 12.19
CA MET F 115 -7.94 9.87 12.32
C MET F 115 -9.37 9.85 12.85
N ALA F 116 -9.71 10.78 13.75
CA ALA F 116 -11.08 10.81 14.28
C ALA F 116 -12.06 11.19 13.18
N GLU F 117 -11.74 12.21 12.38
CA GLU F 117 -12.59 12.58 11.26
C GLU F 117 -12.70 11.44 10.26
N SER F 118 -11.58 10.78 9.97
CA SER F 118 -11.59 9.66 9.04
C SER F 118 -12.37 8.47 9.63
N ALA F 119 -12.20 8.20 10.92
CA ALA F 119 -12.96 7.12 11.55
C ALA F 119 -14.47 7.39 11.51
N TYR F 120 -14.87 8.66 11.63
CA TYR F 120 -16.29 8.98 11.58
C TYR F 120 -16.88 8.65 10.21
N TYR F 121 -16.19 9.03 9.13
CA TYR F 121 -16.71 8.77 7.80
C TYR F 121 -16.61 7.30 7.41
N ARG F 122 -15.75 6.53 8.08
CA ARG F 122 -15.84 5.08 7.93
C ARG F 122 -17.16 4.56 8.48
N CYS F 123 -17.61 5.08 9.63
CA CYS F 123 -18.91 4.69 10.16
C CYS F 123 -20.04 5.21 9.27
N VAL F 124 -19.88 6.39 8.67
CA VAL F 124 -20.90 6.91 7.77
C VAL F 124 -21.11 5.97 6.59
N LEU F 125 -20.01 5.50 5.99
CA LEU F 125 -20.13 4.53 4.90
C LEU F 125 -20.79 3.25 5.38
N TRP F 126 -20.39 2.76 6.56
CA TRP F 126 -21.00 1.56 7.10
C TRP F 126 -22.49 1.76 7.37
N SER F 127 -22.85 2.91 7.96
CA SER F 127 -24.24 3.14 8.37
C SER F 127 -25.17 3.37 7.19
N GLY F 128 -24.65 3.73 6.02
CA GLY F 128 -25.51 3.94 4.86
C GLY F 128 -26.21 2.67 4.41
N MET F 129 -25.54 1.53 4.55
CA MET F 129 -26.17 0.27 4.17
C MET F 129 -27.16 -0.15 5.25
N VAL F 130 -28.39 -0.46 4.84
CA VAL F 130 -29.40 -0.85 5.81
C VAL F 130 -29.02 -2.17 6.47
N VAL F 131 -28.35 -3.06 5.75
CA VAL F 131 -27.82 -4.31 6.29
C VAL F 131 -26.30 -4.21 6.24
N PRO F 132 -25.59 -4.46 7.34
CA PRO F 132 -24.13 -4.30 7.35
C PRO F 132 -23.46 -5.27 6.38
N PRO F 133 -22.24 -4.97 5.94
CA PRO F 133 -21.57 -5.87 5.01
C PRO F 133 -21.37 -7.26 5.63
N PRO F 134 -21.45 -8.31 4.82
CA PRO F 134 -21.46 -9.66 5.39
C PRO F 134 -20.17 -10.05 6.09
N SER F 135 -19.02 -9.53 5.64
CA SER F 135 -17.76 -9.91 6.27
C SER F 135 -17.66 -9.44 7.71
N GLY F 136 -18.46 -8.45 8.10
CA GLY F 136 -18.40 -7.91 9.45
C GLY F 136 -17.14 -7.14 9.78
N ARG F 137 -16.23 -6.95 8.82
CA ARG F 137 -14.97 -6.27 9.09
C ARG F 137 -14.33 -5.89 7.76
N ILE F 138 -13.99 -4.61 7.60
CA ILE F 138 -13.43 -4.10 6.36
C ILE F 138 -11.97 -3.74 6.62
N LEU F 139 -11.06 -4.40 5.89
CA LEU F 139 -9.63 -4.10 5.98
C LEU F 139 -9.25 -3.29 4.74
N SER F 140 -8.93 -2.02 4.94
CA SER F 140 -8.56 -1.13 3.86
C SER F 140 -7.19 -0.52 4.14
N GLU F 141 -6.61 0.07 3.10
CA GLU F 141 -5.30 0.70 3.17
C GLU F 141 -5.46 2.19 2.96
N HIS F 142 -4.81 2.98 3.80
CA HIS F 142 -4.90 4.43 3.75
C HIS F 142 -3.51 5.02 3.79
N ALA F 143 -3.44 6.32 3.51
CA ALA F 143 -2.19 7.05 3.58
C ALA F 143 -2.44 8.43 4.16
N SER F 144 -1.55 8.87 5.06
CA SER F 144 -1.58 10.22 5.59
C SER F 144 -0.44 11.03 5.02
N PHE F 145 -0.66 12.33 4.85
CA PHE F 145 0.38 13.25 4.40
C PHE F 145 0.20 14.58 5.11
N GLU F 146 1.29 15.35 5.14
CA GLU F 146 1.31 16.67 5.75
C GLU F 146 1.58 17.72 4.69
N ALA F 147 1.15 18.95 4.96
CA ALA F 147 1.36 20.05 4.04
C ALA F 147 1.38 21.36 4.83
N GLY F 148 2.20 22.31 4.37
CA GLY F 148 2.20 23.63 4.94
C GLY F 148 1.21 24.54 4.21
N TRP F 149 0.48 25.33 4.99
CA TRP F 149 -0.49 26.27 4.45
C TRP F 149 -0.30 27.65 5.07
N LYS F 150 -0.40 28.68 4.23
CA LYS F 150 -0.21 30.06 4.67
C LYS F 150 -1.14 30.95 3.85
N VAL F 151 -2.01 31.70 4.52
CA VAL F 151 -2.99 32.54 3.85
C VAL F 151 -2.90 33.96 4.40
N GLU F 152 -3.12 34.94 3.53
CA GLU F 152 -3.15 36.33 3.96
C GLU F 152 -4.49 36.71 4.55
N ARG F 153 -5.55 35.98 4.21
CA ARG F 153 -6.90 36.25 4.66
C ARG F 153 -7.45 35.02 5.38
N GLY F 154 -7.26 34.98 6.70
CA GLY F 154 -7.68 33.83 7.47
C GLY F 154 -8.65 34.16 8.59
N ILE F 155 -9.32 33.12 9.12
CA ILE F 155 -10.32 33.27 10.17
C ILE F 155 -10.17 32.08 11.11
N ARG F 156 -10.30 32.34 12.41
CA ARG F 156 -10.24 31.28 13.42
C ARG F 156 -11.60 31.20 14.10
N LEU F 157 -12.43 30.24 13.66
CA LEU F 157 -13.72 30.02 14.28
C LEU F 157 -13.61 29.47 15.69
N GLN F 158 -12.43 29.01 16.10
CA GLN F 158 -12.21 28.63 17.48
C GLN F 158 -11.87 29.82 18.36
N ALA F 159 -11.73 31.02 17.80
CA ALA F 159 -11.37 32.17 18.59
C ALA F 159 -12.58 32.67 19.38
N PRO F 160 -12.36 33.35 20.51
CA PRO F 160 -13.47 33.77 21.38
C PRO F 160 -14.56 34.54 20.65
N PRO F 161 -14.22 35.44 19.70
CA PRO F 161 -15.32 36.11 18.97
C PRO F 161 -16.25 35.15 18.27
N PHE F 162 -15.71 34.12 17.63
CA PHE F 162 -16.54 33.10 16.97
C PHE F 162 -16.80 31.88 17.85
N SER F 163 -16.05 31.72 18.94
CA SER F 163 -16.26 30.60 19.85
C SER F 163 -17.57 30.70 20.62
N ASP F 164 -18.22 31.86 20.67
CA ASP F 164 -19.50 31.97 21.35
C ASP F 164 -20.60 31.20 20.62
N HIS F 165 -20.36 30.82 19.36
CA HIS F 165 -21.31 30.03 18.58
C HIS F 165 -20.79 28.62 18.33
N GLU F 166 -19.86 28.14 19.16
CA GLU F 166 -19.23 26.85 18.91
C GLU F 166 -20.22 25.70 19.00
N ALA F 167 -21.29 25.85 19.79
CA ALA F 167 -22.30 24.80 19.87
C ALA F 167 -23.05 24.62 18.56
N ALA F 168 -23.22 25.71 17.79
CA ALA F 168 -23.86 25.62 16.48
C ALA F 168 -22.88 25.32 15.36
N LEU F 169 -21.61 25.71 15.52
CA LEU F 169 -20.61 25.43 14.49
C LEU F 169 -20.14 23.99 14.54
N THR F 170 -20.10 23.38 15.72
CA THR F 170 -19.65 22.00 15.88
C THR F 170 -20.81 21.05 16.16
N ASP F 171 -22.02 21.41 15.74
CA ASP F 171 -23.17 20.55 15.99
C ASP F 171 -23.04 19.26 15.19
N ILE F 172 -23.51 18.17 15.78
CA ILE F 172 -23.20 16.84 15.28
C ILE F 172 -24.04 16.44 14.06
N ALA F 173 -25.20 17.06 13.86
CA ALA F 173 -26.11 16.53 12.85
C ALA F 173 -26.86 17.59 12.05
N ASP F 174 -26.36 18.82 11.97
CA ASP F 174 -26.99 19.80 11.10
C ASP F 174 -25.96 20.84 10.67
N TYR F 175 -25.91 21.10 9.37
CA TYR F 175 -24.90 21.94 8.77
C TYR F 175 -25.40 23.33 8.41
N ARG F 176 -26.67 23.66 8.71
CA ARG F 176 -27.27 24.89 8.21
C ARG F 176 -26.47 26.11 8.64
N ALA F 177 -26.25 26.27 9.95
CA ALA F 177 -25.52 27.44 10.44
C ALA F 177 -24.07 27.46 9.97
N PRO F 178 -23.30 26.37 10.02
CA PRO F 178 -21.93 26.45 9.47
C PRO F 178 -21.88 26.62 7.96
N GLN F 179 -22.84 26.06 7.23
CA GLN F 179 -22.82 26.19 5.77
C GLN F 179 -23.08 27.63 5.34
N GLU F 180 -24.00 28.32 6.01
CA GLU F 180 -24.24 29.73 5.73
C GLU F 180 -23.03 30.57 6.12
N LEU F 181 -22.37 30.21 7.22
CA LEU F 181 -21.12 30.88 7.60
C LEU F 181 -20.03 30.64 6.56
N GLY F 182 -20.00 29.44 5.98
CA GLY F 182 -19.00 29.17 4.95
C GLY F 182 -19.20 30.01 3.71
N SER F 183 -20.45 30.14 3.25
CA SER F 183 -20.72 30.99 2.09
C SER F 183 -20.44 32.45 2.40
N ALA F 184 -20.64 32.86 3.66
CA ALA F 184 -20.35 34.23 4.03
C ALA F 184 -18.84 34.50 4.03
N MET F 185 -18.05 33.56 4.55
CA MET F 185 -16.61 33.70 4.52
C MET F 185 -16.07 33.65 3.09
N ARG F 186 -16.67 32.79 2.25
CA ARG F 186 -16.22 32.70 0.87
C ARG F 186 -16.46 34.00 0.11
N SER F 187 -17.64 34.60 0.30
CA SER F 187 -17.94 35.87 -0.36
C SER F 187 -17.11 37.02 0.19
N ALA F 188 -16.74 36.95 1.47
CA ALA F 188 -15.93 37.98 2.11
C ALA F 188 -14.45 37.88 1.77
N GLY F 189 -14.04 36.93 0.94
CA GLY F 189 -12.66 36.82 0.52
C GLY F 189 -11.77 35.99 1.41
N VAL F 190 -12.32 35.28 2.40
CA VAL F 190 -11.52 34.44 3.26
C VAL F 190 -10.93 33.29 2.46
N GLN F 191 -9.61 33.11 2.57
CA GLN F 191 -8.92 32.06 1.82
C GLN F 191 -8.85 30.74 2.58
N ALA F 192 -8.74 30.79 3.90
CA ALA F 192 -8.69 29.59 4.72
C ALA F 192 -9.15 29.93 6.11
N PHE F 193 -9.59 28.91 6.86
CA PHE F 193 -10.03 29.14 8.22
C PHE F 193 -9.89 27.85 9.02
N GLU F 194 -9.65 28.01 10.32
CA GLU F 194 -9.60 26.91 11.26
C GLU F 194 -10.90 26.85 12.05
N TYR F 195 -11.19 25.67 12.61
CA TYR F 195 -12.41 25.50 13.38
C TYR F 195 -12.27 24.28 14.27
N ARG F 196 -13.14 24.19 15.27
CA ARG F 196 -13.11 23.07 16.20
C ARG F 196 -13.73 21.84 15.53
N SER F 197 -13.06 20.70 15.68
CA SER F 197 -13.59 19.46 15.13
C SER F 197 -14.79 19.00 15.92
N ALA F 198 -15.80 18.49 15.21
CA ALA F 198 -17.01 17.99 15.84
C ALA F 198 -16.95 16.51 16.16
N ARG F 199 -15.88 15.82 15.78
CA ARG F 199 -15.75 14.39 16.02
C ARG F 199 -14.56 14.01 16.88
N CYS F 200 -13.55 14.86 16.99
CA CYS F 200 -12.33 14.49 17.69
C CYS F 200 -12.56 14.46 19.20
N PRO F 201 -12.22 13.36 19.89
CA PRO F 201 -12.43 13.34 21.34
C PRO F 201 -11.50 14.28 22.08
N GLU F 202 -10.32 14.58 21.52
CA GLU F 202 -9.39 15.51 22.12
C GLU F 202 -9.71 16.98 21.82
N ARG F 203 -10.86 17.25 21.19
CA ARG F 203 -11.27 18.60 20.80
C ARG F 203 -10.20 19.27 19.95
N GLY F 204 -9.58 18.49 19.07
CA GLY F 204 -8.63 19.05 18.13
C GLY F 204 -9.30 19.98 17.13
N CYS F 205 -8.46 20.76 16.46
CA CYS F 205 -8.92 21.74 15.50
C CYS F 205 -8.62 21.27 14.08
N ASN F 206 -9.52 21.63 13.17
CA ASN F 206 -9.38 21.37 11.74
C ASN F 206 -9.05 22.67 11.02
N VAL F 207 -8.85 22.56 9.70
CA VAL F 207 -8.58 23.70 8.85
C VAL F 207 -9.19 23.42 7.48
N ALA F 208 -9.79 24.44 6.89
CA ALA F 208 -10.42 24.34 5.58
C ALA F 208 -9.83 25.40 4.66
N LEU F 209 -9.62 25.03 3.40
CA LEU F 209 -9.01 25.92 2.42
C LEU F 209 -10.00 26.15 1.30
N PHE F 210 -10.34 27.42 1.07
CA PHE F 210 -11.21 27.75 -0.06
C PHE F 210 -10.44 27.75 -1.38
N THR F 211 -9.16 28.06 -1.35
CA THR F 211 -8.38 28.23 -2.57
C THR F 211 -7.14 27.35 -2.54
N PRO F 212 -6.71 26.82 -3.70
CA PRO F 212 -5.46 26.07 -3.73
C PRO F 212 -4.23 26.92 -3.48
N ALA F 213 -4.34 28.25 -3.56
CA ALA F 213 -3.21 29.12 -3.27
C ALA F 213 -2.83 29.13 -1.80
N ALA F 214 -3.62 28.47 -0.94
CA ALA F 214 -3.29 28.40 0.49
C ALA F 214 -2.03 27.59 0.75
N PHE F 215 -1.70 26.64 -0.14
CA PHE F 215 -0.56 25.77 0.09
C PHE F 215 0.75 26.55 -0.08
N THR F 216 1.65 26.38 0.89
CA THR F 216 2.98 26.99 0.76
C THR F 216 3.80 26.26 -0.30
N GLU F 217 3.84 24.94 -0.21
CA GLU F 217 4.57 24.10 -1.16
C GLU F 217 3.62 23.56 -2.23
N LYS F 218 4.18 22.84 -3.19
CA LYS F 218 3.39 22.17 -4.20
C LYS F 218 3.36 20.66 -4.00
N ARG F 219 4.07 20.16 -2.98
CA ARG F 219 4.20 18.74 -2.72
C ARG F 219 3.73 18.40 -1.31
N PRO F 220 3.13 17.23 -1.12
CA PRO F 220 2.82 16.77 0.23
C PRO F 220 4.06 16.21 0.90
N ARG F 221 4.02 16.17 2.24
CA ARG F 221 5.16 15.77 3.03
C ARG F 221 4.79 14.63 3.96
N ASN F 222 5.75 13.76 4.22
CA ASN F 222 5.62 12.67 5.21
C ASN F 222 4.47 11.73 4.87
N LEU F 223 4.45 11.26 3.61
CA LEU F 223 3.48 10.26 3.20
C LEU F 223 3.68 8.98 3.98
N THR F 224 2.64 8.55 4.71
CA THR F 224 2.72 7.41 5.62
C THR F 224 1.58 6.45 5.33
N PRO F 225 1.84 5.18 5.06
CA PRO F 225 0.74 4.23 4.85
C PRO F 225 0.15 3.75 6.17
N TRP F 226 -1.16 3.49 6.14
CA TRP F 226 -1.90 3.04 7.31
C TRP F 226 -2.78 1.86 6.96
N LEU F 227 -2.89 0.93 7.91
CA LEU F 227 -3.86 -0.16 7.84
C LEU F 227 -5.10 0.27 8.61
N CYS F 228 -6.27 0.08 8.00
CA CYS F 228 -7.54 0.46 8.62
C CYS F 228 -8.44 -0.76 8.78
N GLU F 229 -9.06 -0.85 9.96
CA GLU F 229 -9.99 -1.93 10.29
C GLU F 229 -11.30 -1.29 10.71
N THR F 230 -12.35 -1.50 9.92
CA THR F 230 -13.67 -0.94 10.20
C THR F 230 -14.63 -2.09 10.51
N THR F 231 -15.25 -2.04 11.68
CA THR F 231 -16.27 -3.00 12.09
C THR F 231 -17.54 -2.25 12.46
N ALA F 232 -18.57 -3.00 12.84
CA ALA F 232 -19.78 -2.39 13.35
C ALA F 232 -19.57 -1.71 14.70
N GLY F 233 -18.45 -1.97 15.37
CA GLY F 233 -18.23 -1.42 16.69
C GLY F 233 -17.11 -0.40 16.81
N TYR F 234 -16.11 -0.47 15.94
CA TYR F 234 -14.96 0.42 16.07
C TYR F 234 -14.26 0.58 14.73
N VAL F 235 -13.38 1.57 14.68
CA VAL F 235 -12.47 1.79 13.57
C VAL F 235 -11.06 1.88 14.14
N ALA F 236 -10.14 1.10 13.59
CA ALA F 236 -8.77 1.04 14.10
C ALA F 236 -7.79 1.34 12.98
N PHE F 237 -6.76 2.12 13.31
CA PHE F 237 -5.70 2.49 12.37
C PHE F 237 -4.36 2.04 12.91
N LYS F 238 -3.48 1.60 12.01
CA LYS F 238 -2.15 1.14 12.37
C LYS F 238 -1.20 1.42 11.21
N PRO F 239 0.02 1.88 11.49
CA PRO F 239 0.99 2.06 10.40
C PRO F 239 1.20 0.76 9.63
N ALA F 240 1.27 0.87 8.30
CA ALA F 240 1.43 -0.28 7.44
C ALA F 240 2.89 -0.62 7.13
N HIS F 241 3.82 0.27 7.47
CA HIS F 241 5.22 0.09 7.10
C HIS F 241 6.18 -0.09 8.28
N VAL F 242 5.75 0.25 9.50
CA VAL F 242 6.62 0.14 10.68
C VAL F 242 5.83 -0.55 11.78
N PRO F 243 6.55 -1.12 12.78
CA PRO F 243 5.88 -1.74 13.89
C PRO F 243 5.14 -0.70 14.72
N GLY F 244 3.95 -1.05 15.21
CA GLY F 244 3.17 -0.11 16.01
C GLY F 244 1.93 -0.76 16.59
N SER F 245 1.25 -0.04 17.47
CA SER F 245 0.01 -0.55 18.10
C SER F 245 -1.18 0.19 17.51
N PRO F 246 -2.35 -0.45 17.32
CA PRO F 246 -3.46 0.23 16.65
C PRO F 246 -4.03 1.36 17.50
N LYS F 247 -4.42 2.44 16.83
CA LYS F 247 -5.17 3.53 17.44
C LYS F 247 -6.64 3.27 17.15
N ILE F 248 -7.42 2.97 18.18
CA ILE F 248 -8.79 2.50 18.03
C ILE F 248 -9.76 3.64 18.32
N PHE F 249 -10.80 3.75 17.49
CA PHE F 249 -11.85 4.77 17.62
C PHE F 249 -13.19 4.04 17.67
N SER F 250 -13.76 3.95 18.87
CA SER F 250 -15.07 3.31 19.02
C SER F 250 -16.16 4.15 18.36
N TRP F 251 -17.19 3.45 17.88
CA TRP F 251 -18.34 4.16 17.30
C TRP F 251 -18.98 5.10 18.32
N GLU F 252 -18.90 4.76 19.61
CA GLU F 252 -19.51 5.57 20.66
C GLU F 252 -18.91 6.97 20.76
N LEU F 253 -17.74 7.23 20.17
CA LEU F 253 -17.23 8.60 20.10
C LEU F 253 -18.13 9.50 19.28
N PHE F 254 -18.95 8.95 18.39
CA PHE F 254 -19.79 9.75 17.50
C PHE F 254 -21.27 9.43 17.59
N LEU F 255 -21.66 8.25 18.10
CA LEU F 255 -23.06 7.91 18.23
C LEU F 255 -23.75 8.83 19.25
N VAL F 256 -24.98 9.22 18.96
CA VAL F 256 -25.78 10.02 19.87
C VAL F 256 -27.11 9.31 20.09
N ASP F 257 -27.43 9.04 21.36
CA ASP F 257 -28.71 8.42 21.74
C ASP F 257 -28.99 7.15 20.94
N GLY F 258 -27.95 6.43 20.57
CA GLY F 258 -28.16 5.16 19.89
C GLY F 258 -27.38 4.99 18.60
N LYS F 259 -27.75 5.73 17.56
CA LYS F 259 -27.19 5.53 16.24
C LYS F 259 -26.51 6.81 15.75
N LEU F 260 -25.61 6.63 14.78
CA LEU F 260 -24.82 7.74 14.25
C LEU F 260 -25.72 8.80 13.63
N PRO F 261 -25.51 10.08 13.93
CA PRO F 261 -26.28 11.14 13.29
C PRO F 261 -25.62 11.65 12.01
N HIS F 262 -26.46 12.14 11.10
CA HIS F 262 -25.96 12.75 9.88
C HIS F 262 -26.99 13.77 9.42
N PRO F 263 -26.55 14.91 8.85
CA PRO F 263 -27.48 15.96 8.43
C PRO F 263 -28.10 15.70 7.07
P PO4 G . 10.97 -7.39 8.81
O1 PO4 G . 11.42 -6.48 7.69
O2 PO4 G . 10.85 -8.81 8.29
O3 PO4 G . 11.95 -7.37 9.95
O4 PO4 G . 9.64 -6.90 9.30
P PO4 H . 24.54 -6.94 -7.20
O1 PO4 H . 25.12 -8.16 -7.87
O2 PO4 H . 25.60 -5.90 -6.92
O3 PO4 H . 23.51 -6.33 -8.12
O4 PO4 H . 23.92 -7.35 -5.88
P PO4 I . -9.06 10.14 -8.07
O1 PO4 I . -8.01 9.16 -8.55
O2 PO4 I . -10.38 9.41 -7.96
O3 PO4 I . -9.21 11.29 -9.04
O4 PO4 I . -8.63 10.67 -6.73
P PO4 J . -17.76 16.90 9.88
O1 PO4 J . -17.60 16.55 8.41
O2 PO4 J . -17.16 15.81 10.74
O3 PO4 J . -17.04 18.20 10.17
O4 PO4 J . -19.22 17.01 10.20
#